data_6KX6
#
_entry.id   6KX6
#
_cell.length_a   130.701
_cell.length_b   143.211
_cell.length_c   76.820
_cell.angle_alpha   90.000
_cell.angle_beta   118.710
_cell.angle_gamma   90.000
#
_symmetry.space_group_name_H-M   'C 1 2 1'
#
loop_
_entity.id
_entity.type
_entity.pdbx_description
1 polymer Cryptochrome-1
2 non-polymer ~{N}-[2-(2,4-dimethylphenyl)-4,6-dihydrothieno[3,4-c]pyrazol-3-yl]-3,4-dimethyl-benzamide
3 water water
#
_entity_poly.entity_id   1
_entity_poly.type   'polypeptide(L)'
_entity_poly.pdbx_seq_one_letter_code
;GTMGVNAVHWFRKGLRLHDNPALKECIQGADTIRCVYILDPWFAGSSNVGINRWRFLLQCLEDLDANLRKLNSRLFVIRG
QPADVFPRLFKEWNITKLSIEYDSEPFGKERDAAIKKLATEAGVEVIVRISHTLYDLDKIIELNGGQPPLTYKRFQTLVS
KMEPLEMPADTITSDVIGKCMTPLSDDHDEKYGVPSLEELGFDTDGLSSAVWPGGETEALTRLERHLERKAWVANFERPR
MNANSLLASPTGLSPYLRFGCLSCRLFYFKLTDLYKKVKKNSSPPLSLYGQLLWREFFYTAATNNPRFDKMEGNPICVQI
PWDKNPEALAKWAEGRTGFPWIDAIMTQLRQEGWIHHLARHAVACFLTRGDLWISWEEGMKVFEELLLDADWSINAGSWM
WLSCSSFFQQFFHCYCPVGFGRRTDPNGDYIRRYLPVLRGFPAKYIYDPWNAPEGIQKVAKCLIGVNYPKPMVNHAEASR
LNIERMKQIYQQLSRYRG
;
_entity_poly.pdbx_strand_id   A,B
#
# COMPACT_ATOMS: atom_id res chain seq x y z
N GLY A 4 -48.63 -27.57 12.43
CA GLY A 4 -48.13 -26.31 11.93
C GLY A 4 -46.65 -26.33 11.59
N VAL A 5 -46.22 -25.32 10.83
CA VAL A 5 -44.82 -25.22 10.42
C VAL A 5 -44.08 -24.41 11.48
N ASN A 6 -43.20 -25.07 12.22
CA ASN A 6 -42.41 -24.44 13.28
C ASN A 6 -40.96 -24.38 12.84
N ALA A 7 -40.38 -23.18 12.89
CA ALA A 7 -39.07 -22.92 12.31
C ALA A 7 -38.10 -22.38 13.36
N VAL A 8 -36.83 -22.71 13.16
CA VAL A 8 -35.73 -22.17 13.96
C VAL A 8 -34.72 -21.53 13.02
N HIS A 9 -34.30 -20.32 13.33
CA HIS A 9 -33.15 -19.70 12.68
C HIS A 9 -31.97 -19.74 13.65
N TRP A 10 -30.86 -20.31 13.20
CA TRP A 10 -29.69 -20.53 14.03
C TRP A 10 -28.68 -19.41 13.76
N PHE A 11 -28.53 -18.51 14.73
CA PHE A 11 -27.52 -17.46 14.67
C PHE A 11 -26.16 -18.02 15.05
N ARG A 12 -25.14 -17.73 14.22
CA ARG A 12 -23.74 -17.96 14.56
C ARG A 12 -22.97 -16.69 14.24
N LYS A 13 -22.68 -16.50 12.96
CA LYS A 13 -22.36 -15.18 12.45
C LYS A 13 -23.68 -14.55 11.98
N GLY A 14 -23.60 -13.48 11.21
CA GLY A 14 -24.80 -12.81 10.73
C GLY A 14 -25.73 -12.40 11.85
N LEU A 15 -25.17 -11.76 12.88
CA LEU A 15 -25.94 -11.38 14.08
C LEU A 15 -26.64 -10.04 13.82
N ARG A 16 -27.67 -10.11 12.98
CA ARG A 16 -28.33 -8.90 12.48
C ARG A 16 -29.68 -9.27 11.91
N LEU A 17 -30.57 -8.28 11.84
CA LEU A 17 -31.86 -8.44 11.21
C LEU A 17 -31.91 -7.87 9.79
N HIS A 18 -30.98 -6.99 9.44
CA HIS A 18 -30.89 -6.47 8.08
C HIS A 18 -30.06 -7.42 7.22
N ASP A 19 -30.39 -7.46 5.93
CA ASP A 19 -29.74 -8.32 4.94
C ASP A 19 -29.47 -9.72 5.51
N ASN A 20 -30.54 -10.40 5.89
CA ASN A 20 -30.47 -11.75 6.45
C ASN A 20 -31.37 -12.64 5.59
N PRO A 21 -30.87 -13.11 4.45
CA PRO A 21 -31.73 -13.91 3.55
C PRO A 21 -32.18 -15.24 4.14
N ALA A 22 -31.33 -15.89 4.93
CA ALA A 22 -31.72 -17.16 5.54
C ALA A 22 -32.90 -16.98 6.49
N LEU A 23 -32.82 -15.97 7.35
CA LEU A 23 -33.92 -15.69 8.27
C LEU A 23 -35.18 -15.29 7.52
N LYS A 24 -35.03 -14.50 6.46
CA LYS A 24 -36.19 -14.08 5.68
C LYS A 24 -36.89 -15.28 5.04
N GLU A 25 -36.12 -16.16 4.39
CA GLU A 25 -36.70 -17.34 3.77
C GLU A 25 -37.30 -18.28 4.81
N CYS A 26 -36.68 -18.38 5.98
CA CYS A 26 -37.19 -19.26 7.01
C CYS A 26 -38.56 -18.80 7.50
N ILE A 27 -38.75 -17.47 7.58
CA ILE A 27 -40.03 -16.94 8.06
C ILE A 27 -41.15 -17.23 7.06
N GLN A 28 -40.83 -17.24 5.76
CA GLN A 28 -41.86 -17.44 4.74
C GLN A 28 -42.54 -18.79 4.93
N GLY A 29 -43.87 -18.76 5.01
CA GLY A 29 -44.67 -19.96 5.14
C GLY A 29 -44.64 -20.60 6.51
N ALA A 30 -43.98 -19.99 7.48
CA ALA A 30 -43.85 -20.55 8.82
C ALA A 30 -44.94 -20.00 9.73
N ASP A 31 -45.44 -20.86 10.62
CA ASP A 31 -46.43 -20.42 11.61
C ASP A 31 -45.77 -19.84 12.85
N THR A 32 -44.66 -20.44 13.29
CA THR A 32 -43.88 -19.90 14.39
C THR A 32 -42.41 -19.82 13.98
N ILE A 33 -41.69 -18.89 14.63
CA ILE A 33 -40.26 -18.73 14.43
C ILE A 33 -39.59 -18.58 15.79
N ARG A 34 -38.45 -19.25 15.97
CA ARG A 34 -37.60 -19.07 17.13
C ARG A 34 -36.17 -18.87 16.68
N CYS A 35 -35.56 -17.76 17.08
CA CYS A 35 -34.16 -17.48 16.77
C CYS A 35 -33.27 -17.95 17.92
N VAL A 36 -32.28 -18.78 17.62
CA VAL A 36 -31.44 -19.37 18.65
C VAL A 36 -29.98 -19.02 18.42
N TYR A 37 -29.25 -18.84 19.52
CA TYR A 37 -27.80 -18.83 19.51
C TYR A 37 -27.32 -19.90 20.49
N ILE A 38 -26.35 -20.71 20.06
CA ILE A 38 -25.86 -21.84 20.83
C ILE A 38 -24.45 -21.52 21.28
N LEU A 39 -24.28 -21.35 22.60
CA LEU A 39 -22.96 -21.15 23.20
C LEU A 39 -22.26 -22.51 23.24
N ASP A 40 -21.37 -22.75 22.28
CA ASP A 40 -20.79 -24.06 22.04
C ASP A 40 -19.37 -24.11 22.57
N PRO A 41 -19.11 -24.83 23.69
CA PRO A 41 -17.77 -24.98 24.28
C PRO A 41 -16.76 -25.57 23.30
N ASN A 48 -9.09 -20.95 21.87
CA ASN A 48 -8.85 -19.83 22.76
C ASN A 48 -9.71 -18.62 22.38
N VAL A 49 -10.54 -18.17 23.32
CA VAL A 49 -11.37 -16.98 23.13
C VAL A 49 -11.25 -16.13 24.39
N GLY A 50 -10.80 -14.88 24.23
CA GLY A 50 -10.56 -13.99 25.35
C GLY A 50 -11.80 -13.24 25.79
N ILE A 51 -11.63 -12.45 26.86
CA ILE A 51 -12.78 -11.81 27.48
C ILE A 51 -13.36 -10.72 26.60
N ASN A 52 -12.54 -10.04 25.80
CA ASN A 52 -13.06 -8.97 24.95
C ASN A 52 -13.91 -9.53 23.82
N ARG A 53 -13.50 -10.68 23.26
CA ARG A 53 -14.33 -11.34 22.26
C ARG A 53 -15.67 -11.77 22.85
N TRP A 54 -15.64 -12.36 24.04
CA TRP A 54 -16.87 -12.82 24.69
C TRP A 54 -17.80 -11.65 25.00
N ARG A 55 -17.24 -10.53 25.46
CA ARG A 55 -18.07 -9.36 25.76
C ARG A 55 -18.71 -8.79 24.50
N PHE A 56 -17.95 -8.69 23.42
CA PHE A 56 -18.51 -8.23 22.16
C PHE A 56 -19.64 -9.13 21.70
N LEU A 57 -19.43 -10.45 21.78
CA LEU A 57 -20.48 -11.39 21.41
C LEU A 57 -21.74 -11.19 22.24
N LEU A 58 -21.60 -11.15 23.56
CA LEU A 58 -22.77 -11.01 24.42
C LEU A 58 -23.50 -9.71 24.18
N GLN A 59 -22.77 -8.63 23.85
CA GLN A 59 -23.44 -7.37 23.51
C GLN A 59 -24.16 -7.47 22.17
N CYS A 60 -23.63 -8.28 21.24
CA CYS A 60 -24.33 -8.52 19.98
C CYS A 60 -25.64 -9.26 20.22
N LEU A 61 -25.62 -10.21 21.14
CA LEU A 61 -26.81 -11.02 21.42
C LEU A 61 -27.87 -10.20 22.15
N GLU A 62 -27.46 -9.31 23.06
CA GLU A 62 -28.46 -8.47 23.71
C GLU A 62 -29.01 -7.43 22.75
N ASP A 63 -28.21 -6.96 21.80
CA ASP A 63 -28.77 -6.09 20.77
C ASP A 63 -29.74 -6.87 19.88
N LEU A 64 -29.39 -8.11 19.54
CA LEU A 64 -30.29 -8.96 18.77
C LEU A 64 -31.59 -9.21 19.53
N ASP A 65 -31.49 -9.52 20.83
CA ASP A 65 -32.67 -9.77 21.63
C ASP A 65 -33.54 -8.52 21.72
N ALA A 66 -32.92 -7.35 21.91
CA ALA A 66 -33.69 -6.12 22.01
C ALA A 66 -34.39 -5.79 20.70
N ASN A 67 -33.71 -5.98 19.57
CA ASN A 67 -34.34 -5.71 18.28
C ASN A 67 -35.43 -6.73 17.97
N LEU A 68 -35.29 -7.96 18.47
CA LEU A 68 -36.36 -8.94 18.30
C LEU A 68 -37.56 -8.61 19.19
N ARG A 69 -37.33 -7.97 20.33
CA ARG A 69 -38.44 -7.55 21.17
C ARG A 69 -39.32 -6.54 20.46
N LYS A 70 -38.71 -5.65 19.66
CA LYS A 70 -39.49 -4.70 18.88
C LYS A 70 -40.46 -5.39 17.94
N LEU A 71 -40.21 -6.66 17.61
CA LEU A 71 -41.11 -7.45 16.77
C LEU A 71 -41.89 -8.48 17.59
N ASN A 72 -41.98 -8.27 18.90
CA ASN A 72 -42.70 -9.18 19.80
C ASN A 72 -42.11 -10.59 19.76
N SER A 73 -40.79 -10.68 19.58
CA SER A 73 -40.06 -11.93 19.61
C SER A 73 -38.97 -11.85 20.69
N ARG A 74 -38.16 -12.90 20.78
CA ARG A 74 -37.01 -12.92 21.68
C ARG A 74 -35.92 -13.77 21.06
N LEU A 75 -34.69 -13.54 21.52
CA LEU A 75 -33.58 -14.44 21.21
C LEU A 75 -33.54 -15.55 22.24
N PHE A 76 -33.36 -16.78 21.76
CA PHE A 76 -33.22 -17.95 22.61
C PHE A 76 -31.74 -18.33 22.66
N VAL A 77 -31.12 -18.16 23.83
CA VAL A 77 -29.73 -18.52 24.02
C VAL A 77 -29.65 -19.84 24.76
N ILE A 78 -28.92 -20.80 24.20
CA ILE A 78 -28.81 -22.14 24.74
C ILE A 78 -27.34 -22.52 24.81
N ARG A 79 -26.93 -23.11 25.93
CA ARG A 79 -25.57 -23.59 26.13
C ARG A 79 -25.51 -25.09 25.85
N GLY A 80 -24.61 -25.49 24.96
CA GLY A 80 -24.45 -26.89 24.65
C GLY A 80 -23.79 -27.07 23.30
N GLN A 81 -23.65 -28.33 22.93
CA GLN A 81 -23.08 -28.64 21.63
C GLN A 81 -24.21 -28.82 20.61
N PRO A 82 -24.11 -28.17 19.45
CA PRO A 82 -25.22 -28.22 18.48
C PRO A 82 -25.72 -29.61 18.15
N ALA A 83 -24.83 -30.58 18.01
CA ALA A 83 -25.25 -31.94 17.66
C ALA A 83 -26.05 -32.60 18.78
N ASP A 84 -25.88 -32.15 20.02
CA ASP A 84 -26.68 -32.64 21.14
C ASP A 84 -27.93 -31.80 21.35
N VAL A 85 -27.83 -30.49 21.16
CA VAL A 85 -28.95 -29.60 21.47
C VAL A 85 -30.06 -29.74 20.44
N PHE A 86 -29.70 -29.75 19.16
CA PHE A 86 -30.71 -29.69 18.10
C PHE A 86 -31.66 -30.88 18.06
N PRO A 87 -31.23 -32.13 18.25
CA PRO A 87 -32.23 -33.21 18.36
C PRO A 87 -33.23 -32.97 19.47
N ARG A 88 -32.82 -32.35 20.57
CA ARG A 88 -33.76 -32.03 21.64
C ARG A 88 -34.71 -30.92 21.21
N LEU A 89 -34.18 -29.86 20.60
CA LEU A 89 -35.01 -28.73 20.18
C LEU A 89 -36.03 -29.17 19.13
N PHE A 90 -35.59 -30.01 18.18
CA PHE A 90 -36.51 -30.49 17.14
C PHE A 90 -37.74 -31.15 17.74
N LYS A 91 -37.55 -31.96 18.78
CA LYS A 91 -38.68 -32.63 19.42
C LYS A 91 -39.44 -31.68 20.33
N GLU A 92 -38.72 -30.93 21.18
CA GLU A 92 -39.38 -30.05 22.13
C GLU A 92 -40.29 -29.04 21.44
N TRP A 93 -39.80 -28.43 20.37
CA TRP A 93 -40.52 -27.38 19.65
C TRP A 93 -41.23 -27.88 18.40
N ASN A 94 -41.14 -29.18 18.10
CA ASN A 94 -41.78 -29.79 16.93
C ASN A 94 -41.42 -29.02 15.66
N ILE A 95 -40.12 -28.98 15.39
CA ILE A 95 -39.56 -28.16 14.32
C ILE A 95 -39.55 -28.95 13.02
N THR A 96 -39.91 -28.27 11.93
CA THR A 96 -39.75 -28.82 10.59
C THR A 96 -38.92 -27.95 9.67
N LYS A 97 -38.37 -26.83 10.15
CA LYS A 97 -37.63 -25.87 9.35
C LYS A 97 -36.44 -25.34 10.16
N LEU A 98 -35.24 -25.42 9.59
CA LEU A 98 -34.05 -24.85 10.21
C LEU A 98 -33.28 -24.04 9.18
N SER A 99 -32.82 -22.85 9.57
CA SER A 99 -32.09 -21.99 8.64
C SER A 99 -30.76 -21.55 9.25
N ILE A 100 -29.76 -21.43 8.37
CA ILE A 100 -28.45 -20.93 8.74
C ILE A 100 -27.90 -20.08 7.60
N GLU A 101 -27.09 -19.09 7.97
CA GLU A 101 -26.20 -18.45 7.01
C GLU A 101 -25.01 -19.37 6.76
N TYR A 102 -24.63 -19.50 5.49
CA TYR A 102 -23.58 -20.44 5.11
C TYR A 102 -22.24 -20.05 5.74
N ASP A 103 -21.49 -21.05 6.18
CA ASP A 103 -20.17 -20.83 6.77
C ASP A 103 -19.12 -21.44 5.85
N SER A 104 -18.29 -20.61 5.27
CA SER A 104 -17.28 -21.12 4.35
C SER A 104 -16.12 -21.82 5.03
N GLU A 105 -15.87 -21.55 6.30
CA GLU A 105 -14.65 -22.02 6.94
C GLU A 105 -14.72 -23.53 7.21
N PRO A 106 -13.61 -24.26 7.05
CA PRO A 106 -13.68 -25.74 7.07
C PRO A 106 -14.29 -26.33 8.33
N PHE A 107 -13.94 -25.79 9.50
CA PHE A 107 -14.51 -26.31 10.74
C PHE A 107 -16.01 -26.06 10.80
N GLY A 108 -16.45 -24.86 10.37
CA GLY A 108 -17.87 -24.59 10.29
C GLY A 108 -18.57 -25.42 9.24
N LYS A 109 -17.87 -25.67 8.13
CA LYS A 109 -18.42 -26.55 7.09
C LYS A 109 -18.67 -27.95 7.64
N GLU A 110 -17.70 -28.49 8.38
CA GLU A 110 -17.85 -29.83 8.93
C GLU A 110 -18.97 -29.88 9.97
N ARG A 111 -19.04 -28.87 10.84
CA ARG A 111 -20.11 -28.82 11.82
C ARG A 111 -21.47 -28.77 11.15
N ASP A 112 -21.61 -27.93 10.12
CA ASP A 112 -22.91 -27.74 9.50
C ASP A 112 -23.35 -28.96 8.70
N ALA A 113 -22.40 -29.71 8.13
CA ALA A 113 -22.76 -30.94 7.45
C ALA A 113 -23.31 -31.96 8.42
N ALA A 114 -22.74 -32.02 9.64
CA ALA A 114 -23.23 -32.94 10.65
C ALA A 114 -24.63 -32.55 11.12
N ILE A 115 -24.90 -31.25 11.24
CA ILE A 115 -26.23 -30.80 11.68
C ILE A 115 -27.24 -30.99 10.56
N LYS A 116 -26.84 -30.75 9.31
CA LYS A 116 -27.73 -31.01 8.19
C LYS A 116 -28.13 -32.48 8.13
N LYS A 117 -27.19 -33.38 8.40
CA LYS A 117 -27.51 -34.80 8.46
C LYS A 117 -28.49 -35.10 9.57
N LEU A 118 -28.23 -34.55 10.77
CA LEU A 118 -29.13 -34.78 11.90
C LEU A 118 -30.52 -34.20 11.64
N ALA A 119 -30.58 -33.05 10.96
CA ALA A 119 -31.88 -32.44 10.66
C ALA A 119 -32.66 -33.28 9.66
N THR A 120 -31.99 -33.76 8.62
CA THR A 120 -32.67 -34.62 7.65
C THR A 120 -33.21 -35.87 8.31
N GLU A 121 -32.40 -36.52 9.15
CA GLU A 121 -32.85 -37.69 9.89
C GLU A 121 -34.11 -37.39 10.70
N ALA A 122 -34.21 -36.18 11.25
CA ALA A 122 -35.37 -35.79 12.04
C ALA A 122 -36.53 -35.29 11.18
N GLY A 123 -36.35 -35.19 9.87
CA GLY A 123 -37.40 -34.67 9.01
C GLY A 123 -37.46 -33.16 8.93
N VAL A 124 -36.39 -32.46 9.29
CA VAL A 124 -36.35 -31.01 9.28
C VAL A 124 -35.65 -30.56 8.00
N GLU A 125 -36.30 -29.69 7.23
CA GLU A 125 -35.64 -29.10 6.08
C GLU A 125 -34.67 -28.02 6.54
N VAL A 126 -33.53 -27.91 5.85
CA VAL A 126 -32.48 -26.96 6.18
C VAL A 126 -32.39 -25.94 5.06
N ILE A 127 -32.47 -24.66 5.43
CA ILE A 127 -32.31 -23.55 4.50
C ILE A 127 -30.96 -22.92 4.75
N VAL A 128 -30.12 -22.87 3.71
CA VAL A 128 -28.78 -22.31 3.80
C VAL A 128 -28.67 -21.19 2.77
N ARG A 129 -28.21 -20.02 3.21
CA ARG A 129 -28.09 -18.87 2.32
C ARG A 129 -26.77 -18.16 2.54
N ILE A 130 -26.15 -17.73 1.45
CA ILE A 130 -24.89 -16.99 1.52
C ILE A 130 -25.19 -15.54 1.88
N SER A 131 -24.46 -15.01 2.86
CA SER A 131 -24.59 -13.59 3.21
C SER A 131 -23.45 -13.06 4.05
N HIS A 132 -22.48 -13.91 4.42
CA HIS A 132 -21.33 -13.43 5.16
C HIS A 132 -20.20 -12.94 4.25
N THR A 133 -20.19 -13.38 2.99
CA THR A 133 -19.22 -12.92 2.02
C THR A 133 -19.96 -12.29 0.85
N LEU A 134 -19.22 -11.47 0.08
CA LEU A 134 -19.84 -10.80 -1.05
C LEU A 134 -20.27 -11.80 -2.12
N TYR A 135 -19.50 -12.86 -2.30
CA TYR A 135 -19.68 -13.77 -3.42
C TYR A 135 -19.84 -15.20 -2.93
N ASP A 136 -20.35 -16.03 -3.84
CA ASP A 136 -20.32 -17.48 -3.68
C ASP A 136 -18.88 -17.94 -3.88
N LEU A 137 -18.23 -18.35 -2.79
CA LEU A 137 -16.81 -18.71 -2.86
C LEU A 137 -16.57 -19.90 -3.77
N ASP A 138 -17.52 -20.84 -3.82
CA ASP A 138 -17.37 -21.99 -4.71
C ASP A 138 -17.44 -21.57 -6.17
N LYS A 139 -18.28 -20.59 -6.50
CA LYS A 139 -18.34 -20.10 -7.87
C LYS A 139 -17.06 -19.40 -8.27
N ILE A 140 -16.39 -18.74 -7.32
CA ILE A 140 -15.07 -18.17 -7.59
C ILE A 140 -14.08 -19.27 -7.92
N ILE A 141 -14.04 -20.30 -7.08
CA ILE A 141 -13.08 -21.38 -7.26
C ILE A 141 -13.37 -22.15 -8.55
N GLU A 142 -14.66 -22.32 -8.88
CA GLU A 142 -15.02 -22.96 -10.15
C GLU A 142 -14.52 -22.14 -11.34
N LEU A 143 -14.70 -20.82 -11.28
CA LEU A 143 -14.21 -19.96 -12.36
C LEU A 143 -12.70 -20.04 -12.51
N ASN A 144 -11.98 -20.22 -11.41
CA ASN A 144 -10.53 -20.34 -11.45
C ASN A 144 -10.05 -21.72 -11.85
N GLY A 145 -10.95 -22.67 -12.08
CA GLY A 145 -10.58 -23.99 -12.56
C GLY A 145 -10.56 -25.09 -11.53
N GLY A 146 -10.96 -24.81 -10.28
CA GLY A 146 -11.03 -25.82 -9.25
C GLY A 146 -10.15 -25.56 -8.05
N GLN A 147 -9.27 -24.56 -8.09
CA GLN A 147 -8.43 -24.22 -6.95
C GLN A 147 -8.53 -22.72 -6.69
N PRO A 148 -8.35 -22.30 -5.44
CA PRO A 148 -8.45 -20.87 -5.14
C PRO A 148 -7.27 -20.13 -5.72
N PRO A 149 -7.46 -18.87 -6.13
CA PRO A 149 -6.30 -18.05 -6.49
C PRO A 149 -5.48 -17.73 -5.25
N LEU A 150 -4.16 -17.78 -5.41
CA LEU A 150 -3.27 -17.47 -4.30
C LEU A 150 -2.49 -16.19 -4.53
N THR A 151 -2.84 -15.42 -5.56
CA THR A 151 -2.41 -14.03 -5.69
C THR A 151 -3.64 -13.13 -5.71
N TYR A 152 -3.53 -11.99 -5.05
CA TYR A 152 -4.65 -11.06 -4.97
C TYR A 152 -4.96 -10.44 -6.32
N LYS A 153 -3.98 -10.38 -7.22
CA LYS A 153 -4.22 -9.81 -8.54
C LYS A 153 -5.14 -10.70 -9.36
N ARG A 154 -4.92 -12.02 -9.31
CA ARG A 154 -5.80 -12.95 -10.01
C ARG A 154 -7.20 -12.92 -9.40
N PHE A 155 -7.28 -12.77 -8.07
CA PHE A 155 -8.59 -12.69 -7.42
C PHE A 155 -9.36 -11.46 -7.90
N GLN A 156 -8.68 -10.33 -8.04
CA GLN A 156 -9.32 -9.14 -8.58
C GLN A 156 -9.82 -9.38 -10.00
N THR A 157 -9.01 -10.08 -10.81
CA THR A 157 -9.41 -10.40 -12.17
C THR A 157 -10.67 -11.26 -12.18
N LEU A 158 -10.74 -12.25 -11.28
CA LEU A 158 -11.92 -13.09 -11.19
C LEU A 158 -13.13 -12.27 -10.74
N VAL A 159 -12.94 -11.38 -9.77
CA VAL A 159 -14.05 -10.63 -9.20
C VAL A 159 -14.63 -9.66 -10.22
N SER A 160 -13.77 -9.05 -11.04
CA SER A 160 -14.24 -8.10 -12.04
C SER A 160 -15.01 -8.76 -13.17
N LYS A 161 -14.96 -10.10 -13.28
CA LYS A 161 -15.69 -10.83 -14.30
C LYS A 161 -17.02 -11.39 -13.80
N MET A 162 -17.30 -11.27 -12.51
CA MET A 162 -18.53 -11.82 -11.96
C MET A 162 -19.72 -10.92 -12.27
N GLU A 163 -20.90 -11.49 -12.13
CA GLU A 163 -22.13 -10.72 -12.32
C GLU A 163 -22.24 -9.65 -11.25
N PRO A 164 -22.94 -8.55 -11.53
CA PRO A 164 -23.14 -7.52 -10.50
C PRO A 164 -23.87 -8.08 -9.30
N LEU A 165 -23.53 -7.55 -8.13
CA LEU A 165 -24.14 -8.01 -6.89
C LEU A 165 -25.63 -7.67 -6.86
N GLU A 166 -26.45 -8.66 -6.57
CA GLU A 166 -27.85 -8.40 -6.30
C GLU A 166 -28.00 -7.63 -5.00
N MET A 167 -29.12 -6.91 -4.89
CA MET A 167 -29.34 -6.05 -3.74
C MET A 167 -29.49 -6.86 -2.46
N PRO A 168 -29.14 -6.28 -1.31
CA PRO A 168 -29.27 -7.02 -0.04
C PRO A 168 -30.73 -7.36 0.26
N ALA A 169 -30.91 -8.44 1.02
CA ALA A 169 -32.24 -8.89 1.37
C ALA A 169 -32.95 -7.85 2.23
N ASP A 170 -34.28 -7.90 2.20
CA ASP A 170 -35.08 -6.95 2.96
C ASP A 170 -34.89 -7.16 4.46
N THR A 171 -34.83 -6.06 5.19
CA THR A 171 -34.70 -6.12 6.64
C THR A 171 -35.92 -6.81 7.25
N ILE A 172 -35.68 -7.63 8.27
CA ILE A 172 -36.77 -8.31 8.95
C ILE A 172 -37.60 -7.26 9.69
N THR A 173 -38.79 -6.98 9.19
CA THR A 173 -39.72 -6.01 9.76
C THR A 173 -41.03 -6.72 10.11
N SER A 174 -41.98 -5.94 10.64
CA SER A 174 -43.33 -6.46 10.86
C SER A 174 -43.93 -6.97 9.58
N ASP A 175 -43.67 -6.27 8.47
CA ASP A 175 -44.25 -6.65 7.18
C ASP A 175 -43.74 -8.02 6.73
N VAL A 176 -42.44 -8.27 6.91
CA VAL A 176 -41.86 -9.54 6.48
C VAL A 176 -42.35 -10.68 7.37
N ILE A 177 -42.49 -10.42 8.67
CA ILE A 177 -42.93 -11.46 9.60
C ILE A 177 -44.34 -11.90 9.28
N GLY A 178 -45.22 -10.95 8.94
CA GLY A 178 -46.57 -11.31 8.55
C GLY A 178 -47.30 -12.01 9.67
N LYS A 179 -47.83 -13.20 9.37
CA LYS A 179 -48.59 -13.95 10.35
C LYS A 179 -47.71 -14.80 11.26
N CYS A 180 -46.42 -14.90 10.98
CA CYS A 180 -45.54 -15.69 11.82
C CYS A 180 -45.42 -15.04 13.19
N MET A 181 -45.13 -15.86 14.20
CA MET A 181 -45.07 -15.36 15.57
C MET A 181 -44.07 -16.20 16.36
N THR A 182 -43.72 -15.71 17.53
CA THR A 182 -42.78 -16.40 18.42
C THR A 182 -43.49 -16.77 19.71
N PRO A 183 -43.68 -18.05 20.00
CA PRO A 183 -44.28 -18.43 21.30
C PRO A 183 -43.35 -18.04 22.43
N LEU A 184 -43.89 -17.37 23.42
CA LEU A 184 -43.09 -16.87 24.53
C LEU A 184 -43.68 -17.30 25.85
N SER A 185 -42.81 -17.52 26.82
CA SER A 185 -43.20 -17.80 28.18
C SER A 185 -42.79 -16.64 29.06
N ASP A 186 -43.37 -16.58 30.26
CA ASP A 186 -43.01 -15.53 31.19
C ASP A 186 -41.68 -15.80 31.89
N ASP A 187 -41.14 -17.01 31.76
CA ASP A 187 -39.87 -17.43 32.34
C ASP A 187 -38.71 -17.35 31.35
N HIS A 188 -38.83 -16.56 30.28
CA HIS A 188 -37.90 -16.69 29.16
C HIS A 188 -36.48 -16.36 29.56
N ASP A 189 -36.28 -15.26 30.29
CA ASP A 189 -34.93 -14.85 30.66
C ASP A 189 -34.26 -15.88 31.56
N GLU A 190 -35.02 -16.49 32.47
CA GLU A 190 -34.46 -17.53 33.33
C GLU A 190 -33.95 -18.73 32.52
N LYS A 191 -34.70 -19.12 31.50
CA LYS A 191 -34.36 -20.31 30.71
C LYS A 191 -33.38 -19.98 29.59
N TYR A 192 -33.63 -18.90 28.86
CA TYR A 192 -32.94 -18.66 27.59
C TYR A 192 -32.27 -17.28 27.51
N GLY A 193 -32.07 -16.61 28.65
CA GLY A 193 -31.54 -15.26 28.63
C GLY A 193 -30.09 -15.21 28.20
N VAL A 194 -29.67 -14.02 27.77
CA VAL A 194 -28.26 -13.77 27.44
C VAL A 194 -27.49 -13.66 28.76
N PRO A 195 -26.46 -14.45 28.96
CA PRO A 195 -25.74 -14.41 30.24
C PRO A 195 -24.74 -13.25 30.27
N SER A 196 -24.29 -12.94 31.49
CA SER A 196 -23.22 -11.98 31.68
C SER A 196 -21.88 -12.71 31.66
N LEU A 197 -20.79 -11.93 31.62
CA LEU A 197 -19.46 -12.52 31.64
C LEU A 197 -19.23 -13.29 32.93
N GLU A 198 -19.60 -12.71 34.07
CA GLU A 198 -19.47 -13.42 35.34
C GLU A 198 -20.28 -14.71 35.32
N GLU A 199 -21.44 -14.69 34.66
CA GLU A 199 -22.28 -15.89 34.58
C GLU A 199 -21.65 -16.97 33.72
N LEU A 200 -20.69 -16.60 32.87
CA LEU A 200 -19.88 -17.58 32.17
C LEU A 200 -18.58 -17.90 32.90
N GLY A 201 -18.41 -17.38 34.11
CA GLY A 201 -17.27 -17.71 34.93
C GLY A 201 -16.06 -16.82 34.76
N PHE A 202 -16.22 -15.63 34.20
CA PHE A 202 -15.09 -14.76 33.92
C PHE A 202 -14.77 -13.87 35.13
N ASP A 203 -13.53 -13.37 35.14
CA ASP A 203 -13.08 -12.38 36.12
C ASP A 203 -13.12 -11.01 35.44
N THR A 204 -14.14 -10.22 35.76
CA THR A 204 -14.33 -8.91 35.17
C THR A 204 -13.92 -7.77 36.11
N ASP A 205 -13.16 -8.08 37.15
CA ASP A 205 -12.81 -7.09 38.16
C ASP A 205 -11.96 -5.98 37.54
N GLY A 206 -12.47 -4.75 37.60
CA GLY A 206 -11.74 -3.63 37.04
C GLY A 206 -11.85 -3.49 35.53
N LEU A 207 -12.67 -4.31 34.88
CA LEU A 207 -12.93 -4.15 33.47
C LEU A 207 -13.52 -2.77 33.20
N SER A 208 -12.92 -2.05 32.25
CA SER A 208 -13.44 -0.76 31.85
C SER A 208 -14.46 -0.94 30.72
N SER A 209 -15.26 0.11 30.50
CA SER A 209 -16.31 0.04 29.50
C SER A 209 -15.72 -0.19 28.12
N ALA A 210 -16.45 -0.94 27.30
CA ALA A 210 -15.92 -1.45 26.04
C ALA A 210 -15.62 -0.31 25.07
N VAL A 211 -14.43 -0.36 24.47
CA VAL A 211 -14.08 0.59 23.42
C VAL A 211 -14.84 0.27 22.13
N TRP A 212 -15.17 -1.01 21.93
CA TRP A 212 -15.90 -1.48 20.76
C TRP A 212 -17.19 -2.16 21.25
N PRO A 213 -18.27 -1.40 21.41
CA PRO A 213 -19.53 -2.02 21.84
C PRO A 213 -20.15 -2.82 20.71
N GLY A 214 -20.56 -4.06 21.02
CA GLY A 214 -21.06 -4.94 20.00
C GLY A 214 -22.49 -4.64 19.61
N GLY A 215 -22.89 -5.18 18.46
CA GLY A 215 -24.28 -5.14 18.07
C GLY A 215 -24.58 -4.50 16.73
N GLU A 216 -25.76 -4.84 16.19
CA GLU A 216 -26.20 -4.29 14.91
C GLU A 216 -26.53 -2.80 15.03
N THR A 217 -27.12 -2.39 16.15
CA THR A 217 -27.47 -0.98 16.33
C THR A 217 -26.22 -0.11 16.33
N GLU A 218 -25.20 -0.51 17.08
CA GLU A 218 -23.93 0.21 17.04
C GLU A 218 -23.32 0.19 15.65
N ALA A 219 -23.39 -0.97 14.97
CA ALA A 219 -22.80 -1.09 13.64
C ALA A 219 -23.44 -0.12 12.65
N LEU A 220 -24.77 -0.01 12.66
CA LEU A 220 -25.45 0.86 11.70
C LEU A 220 -25.26 2.33 12.06
N THR A 221 -25.18 2.65 13.36
CA THR A 221 -24.83 4.01 13.76
C THR A 221 -23.46 4.39 13.21
N ARG A 222 -22.47 3.53 13.40
CA ARG A 222 -21.12 3.84 12.95
C ARG A 222 -21.02 3.83 11.43
N LEU A 223 -21.83 3.02 10.74
CA LEU A 223 -21.86 3.07 9.28
C LEU A 223 -22.32 4.44 8.80
N GLU A 224 -23.36 4.99 9.42
CA GLU A 224 -23.85 6.31 9.03
C GLU A 224 -22.78 7.38 9.26
N ARG A 225 -22.14 7.36 10.42
CA ARG A 225 -21.07 8.32 10.69
C ARG A 225 -19.89 8.11 9.76
N HIS A 226 -19.56 6.85 9.46
CA HIS A 226 -18.45 6.56 8.57
C HIS A 226 -18.69 7.11 7.17
N LEU A 227 -19.90 6.91 6.64
CA LEU A 227 -20.22 7.44 5.31
C LEU A 227 -20.16 8.96 5.30
N GLU A 228 -20.65 9.60 6.38
CA GLU A 228 -20.59 11.06 6.44
C GLU A 228 -19.15 11.55 6.48
N ARG A 229 -18.33 10.95 7.34
CA ARG A 229 -16.93 11.37 7.46
C ARG A 229 -16.19 11.15 6.13
N LYS A 230 -16.40 10.01 5.49
CA LYS A 230 -15.74 9.74 4.22
C LYS A 230 -16.19 10.72 3.14
N ALA A 231 -17.42 11.22 3.24
CA ALA A 231 -17.91 12.21 2.30
C ALA A 231 -17.15 13.52 2.47
N ASN A 242 -0.58 8.45 10.68
CA ASN A 242 -0.55 9.47 11.73
C ASN A 242 -0.67 8.83 13.12
N ALA A 243 -0.31 9.58 14.16
CA ALA A 243 -0.33 9.02 15.51
C ALA A 243 -1.75 8.74 15.99
N ASN A 244 -2.73 9.54 15.57
CA ASN A 244 -4.11 9.28 15.95
C ASN A 244 -4.68 8.05 15.27
N SER A 245 -4.10 7.62 14.15
CA SER A 245 -4.58 6.41 13.49
C SER A 245 -4.47 5.20 14.40
N LEU A 246 -3.45 5.18 15.26
CA LEU A 246 -3.23 4.03 16.15
C LEU A 246 -4.40 3.83 17.10
N LEU A 247 -5.11 4.90 17.45
CA LEU A 247 -6.21 4.81 18.40
C LEU A 247 -7.48 4.32 17.72
N ALA A 248 -8.32 3.64 18.50
CA ALA A 248 -9.56 3.10 17.96
C ALA A 248 -10.45 4.21 17.43
N SER A 249 -10.97 4.02 16.23
CA SER A 249 -11.79 5.08 15.67
C SER A 249 -13.26 4.89 16.04
N PRO A 250 -13.98 5.96 16.35
CA PRO A 250 -15.42 5.83 16.65
C PRO A 250 -16.25 5.41 15.46
N THR A 251 -15.69 5.43 14.25
CA THR A 251 -16.40 5.00 13.05
C THR A 251 -15.81 3.73 12.44
N GLY A 252 -15.05 2.97 13.22
CA GLY A 252 -14.48 1.73 12.72
C GLY A 252 -15.54 0.65 12.60
N LEU A 253 -15.42 -0.16 11.54
CA LEU A 253 -16.40 -1.19 11.24
C LEU A 253 -15.85 -2.60 11.29
N SER A 254 -14.54 -2.78 11.45
CA SER A 254 -13.95 -4.11 11.27
C SER A 254 -14.58 -5.18 12.17
N PRO A 255 -14.76 -4.97 13.49
CA PRO A 255 -15.33 -6.07 14.29
C PRO A 255 -16.78 -6.36 13.94
N TYR A 256 -17.53 -5.35 13.50
CA TYR A 256 -18.93 -5.55 13.16
C TYR A 256 -19.07 -6.36 11.88
N LEU A 257 -18.07 -6.33 11.02
CA LEU A 257 -18.09 -7.18 9.83
C LEU A 257 -17.73 -8.61 10.18
N ARG A 258 -16.81 -8.81 11.13
CA ARG A 258 -16.43 -10.16 11.52
C ARG A 258 -17.60 -10.91 12.17
N PHE A 259 -18.32 -10.24 13.06
CA PHE A 259 -19.43 -10.87 13.78
C PHE A 259 -20.72 -10.88 12.99
N GLY A 260 -20.80 -10.15 11.88
CA GLY A 260 -22.01 -10.08 11.11
C GLY A 260 -23.02 -9.05 11.57
N CYS A 261 -22.66 -8.17 12.52
CA CYS A 261 -23.56 -7.07 12.87
C CYS A 261 -23.80 -6.15 11.68
N LEU A 262 -22.85 -6.08 10.77
CA LEU A 262 -22.96 -5.27 9.57
C LEU A 262 -22.77 -6.17 8.36
N SER A 263 -23.69 -6.09 7.42
CA SER A 263 -23.60 -6.89 6.21
C SER A 263 -22.48 -6.36 5.30
N CYS A 264 -21.66 -7.27 4.81
CA CYS A 264 -20.68 -6.88 3.79
C CYS A 264 -21.37 -6.34 2.56
N ARG A 265 -22.51 -6.94 2.17
CA ARG A 265 -23.22 -6.50 0.97
C ARG A 265 -23.86 -5.13 1.18
N LEU A 266 -24.39 -4.85 2.38
CA LEU A 266 -24.93 -3.52 2.65
C LEU A 266 -23.82 -2.47 2.60
N PHE A 267 -22.69 -2.76 3.25
CA PHE A 267 -21.55 -1.86 3.20
C PHE A 267 -21.11 -1.61 1.76
N TYR A 268 -21.03 -2.68 0.96
CA TYR A 268 -20.70 -2.55 -0.45
C TYR A 268 -21.61 -1.55 -1.15
N PHE A 269 -22.91 -1.67 -0.91
CA PHE A 269 -23.86 -0.84 -1.65
C PHE A 269 -23.89 0.60 -1.14
N LYS A 270 -23.65 0.82 0.15
CA LYS A 270 -23.54 2.19 0.64
C LYS A 270 -22.28 2.86 0.09
N LEU A 271 -21.19 2.09 -0.07
CA LEU A 271 -19.96 2.64 -0.64
C LEU A 271 -20.15 3.05 -2.08
N THR A 272 -20.75 2.18 -2.89
CA THR A 272 -21.03 2.51 -4.28
C THR A 272 -21.89 3.75 -4.38
N ASP A 273 -22.93 3.83 -3.54
CA ASP A 273 -23.85 4.97 -3.58
C ASP A 273 -23.14 6.26 -3.19
N LEU A 274 -22.29 6.22 -2.17
CA LEU A 274 -21.52 7.39 -1.80
C LEU A 274 -20.59 7.80 -2.94
N TYR A 275 -19.96 6.83 -3.59
CA TYR A 275 -19.08 7.13 -4.72
C TYR A 275 -19.85 7.80 -5.86
N LYS A 276 -21.01 7.24 -6.21
CA LYS A 276 -21.78 7.77 -7.34
C LYS A 276 -22.34 9.15 -7.04
N LYS A 277 -22.61 9.45 -5.77
CA LYS A 277 -23.07 10.77 -5.39
C LYS A 277 -21.94 11.60 -4.77
N ASN A 281 -19.01 9.26 -11.15
CA ASN A 281 -18.79 8.16 -12.10
C ASN A 281 -19.54 6.91 -11.68
N SER A 282 -19.79 6.02 -12.65
CA SER A 282 -20.48 4.77 -12.39
C SER A 282 -19.53 3.57 -12.31
N SER A 283 -18.23 3.80 -12.51
CA SER A 283 -17.24 2.73 -12.53
C SER A 283 -16.19 3.03 -11.47
N PRO A 284 -16.47 2.77 -10.19
CA PRO A 284 -15.45 2.91 -9.17
C PRO A 284 -14.37 1.86 -9.36
N PRO A 285 -13.12 2.16 -9.01
CA PRO A 285 -12.10 1.11 -8.99
C PRO A 285 -12.39 0.13 -7.87
N LEU A 286 -11.85 -1.08 -8.00
CA LEU A 286 -12.02 -2.07 -6.94
C LEU A 286 -11.39 -1.58 -5.64
N SER A 287 -10.39 -0.70 -5.73
CA SER A 287 -9.73 -0.15 -4.55
C SER A 287 -10.73 0.49 -3.59
N LEU A 288 -11.84 1.03 -4.12
CA LEU A 288 -12.88 1.58 -3.26
C LEU A 288 -13.37 0.55 -2.24
N TYR A 289 -13.51 -0.70 -2.67
CA TYR A 289 -13.99 -1.78 -1.81
C TYR A 289 -12.87 -2.62 -1.23
N GLY A 290 -11.64 -2.09 -1.23
CA GLY A 290 -10.47 -2.80 -0.75
C GLY A 290 -10.61 -3.59 0.52
N GLN A 291 -11.22 -3.01 1.55
CA GLN A 291 -11.45 -3.73 2.80
C GLN A 291 -12.23 -5.01 2.56
N LEU A 292 -13.24 -4.97 1.68
CA LEU A 292 -14.11 -6.12 1.51
C LEU A 292 -13.45 -7.23 0.71
N LEU A 293 -12.69 -6.89 -0.35
CA LEU A 293 -12.14 -7.92 -1.21
C LEU A 293 -10.98 -8.67 -0.57
N TRP A 294 -10.22 -8.03 0.34
CA TRP A 294 -9.16 -8.78 1.02
C TRP A 294 -9.75 -9.80 1.97
N ARG A 295 -10.86 -9.45 2.65
CA ARG A 295 -11.67 -10.44 3.35
C ARG A 295 -11.97 -11.63 2.45
N GLU A 296 -12.62 -11.36 1.31
CA GLU A 296 -13.08 -12.40 0.41
C GLU A 296 -11.93 -13.26 -0.09
N PHE A 297 -10.75 -12.65 -0.29
CA PHE A 297 -9.59 -13.40 -0.78
C PHE A 297 -9.20 -14.51 0.19
N PHE A 298 -9.12 -14.18 1.48
CA PHE A 298 -8.66 -15.17 2.47
C PHE A 298 -9.73 -16.22 2.76
N TYR A 299 -11.00 -15.82 2.77
CA TYR A 299 -12.08 -16.81 2.90
C TYR A 299 -12.05 -17.81 1.75
N THR A 300 -11.80 -17.32 0.54
CA THR A 300 -11.74 -18.21 -0.63
C THR A 300 -10.55 -19.15 -0.54
N ALA A 301 -9.39 -18.63 -0.14
CA ALA A 301 -8.20 -19.48 -0.05
C ALA A 301 -8.36 -20.57 1.00
N ALA A 302 -9.16 -20.32 2.03
CA ALA A 302 -9.21 -21.22 3.17
C ALA A 302 -10.32 -22.26 3.07
N THR A 303 -11.36 -22.01 2.27
CA THR A 303 -12.60 -22.77 2.40
C THR A 303 -12.38 -24.26 2.15
N ASN A 304 -11.51 -24.62 1.21
CA ASN A 304 -11.28 -26.01 0.87
C ASN A 304 -9.98 -26.55 1.47
N ASN A 305 -9.45 -25.90 2.49
CA ASN A 305 -8.17 -26.26 3.08
C ASN A 305 -8.34 -26.43 4.59
N PRO A 306 -8.63 -27.66 5.04
CA PRO A 306 -8.85 -27.86 6.49
C PRO A 306 -7.60 -27.75 7.34
N ARG A 307 -6.40 -27.69 6.74
CA ARG A 307 -5.17 -27.44 7.47
C ARG A 307 -4.61 -26.05 7.19
N PHE A 308 -5.48 -25.12 6.82
CA PHE A 308 -5.06 -23.76 6.47
C PHE A 308 -4.38 -23.06 7.64
N ASP A 309 -4.70 -23.45 8.88
CA ASP A 309 -4.12 -22.83 10.07
C ASP A 309 -2.94 -23.62 10.63
N LYS A 310 -2.37 -24.54 9.87
CA LYS A 310 -1.24 -25.34 10.30
C LYS A 310 -0.10 -25.17 9.31
N MET A 311 1.11 -25.52 9.76
CA MET A 311 2.26 -25.57 8.86
C MET A 311 2.41 -26.96 8.25
N GLU A 312 2.62 -27.97 9.10
CA GLU A 312 2.72 -29.34 8.61
C GLU A 312 1.38 -29.81 8.06
N GLY A 313 1.42 -30.50 6.92
CA GLY A 313 0.23 -30.97 6.28
C GLY A 313 -0.56 -29.93 5.53
N ASN A 314 -0.10 -28.68 5.51
CA ASN A 314 -0.77 -27.63 4.75
C ASN A 314 -0.11 -27.53 3.38
N PRO A 315 -0.82 -27.85 2.29
CA PRO A 315 -0.16 -27.94 0.98
C PRO A 315 0.33 -26.61 0.44
N ILE A 316 -0.11 -25.47 0.98
CA ILE A 316 0.29 -24.17 0.43
C ILE A 316 1.32 -23.47 1.29
N CYS A 317 1.76 -24.08 2.39
CA CYS A 317 2.59 -23.39 3.38
C CYS A 317 4.00 -23.95 3.37
N VAL A 318 4.98 -23.07 3.25
CA VAL A 318 6.39 -23.47 3.26
C VAL A 318 6.75 -24.02 4.63
N GLN A 319 7.52 -25.12 4.64
CA GLN A 319 7.97 -25.74 5.88
C GLN A 319 9.21 -25.01 6.39
N ILE A 320 9.10 -24.42 7.58
CA ILE A 320 10.19 -23.63 8.15
C ILE A 320 10.47 -24.12 9.57
N PRO A 321 11.73 -24.36 9.94
CA PRO A 321 12.05 -24.85 11.29
C PRO A 321 12.04 -23.75 12.35
N TRP A 322 10.85 -23.39 12.79
CA TRP A 322 10.69 -22.31 13.76
C TRP A 322 11.26 -22.71 15.12
N ASP A 323 11.69 -21.70 15.88
CA ASP A 323 12.10 -21.92 17.25
C ASP A 323 10.90 -22.34 18.10
N LYS A 324 11.16 -23.18 19.10
CA LYS A 324 10.20 -23.46 20.16
C LYS A 324 10.73 -22.78 21.41
N ASN A 325 10.03 -21.74 21.86
CA ASN A 325 10.49 -20.91 22.97
C ASN A 325 9.26 -20.35 23.69
N PRO A 326 8.68 -21.13 24.59
CA PRO A 326 7.45 -20.68 25.27
C PRO A 326 7.64 -19.42 26.12
N GLU A 327 8.83 -19.24 26.71
CA GLU A 327 9.06 -18.06 27.53
C GLU A 327 9.13 -16.80 26.68
N ALA A 328 9.79 -16.87 25.53
CA ALA A 328 9.82 -15.72 24.62
C ALA A 328 8.44 -15.46 24.02
N LEU A 329 7.70 -16.52 23.72
CA LEU A 329 6.33 -16.34 23.24
C LEU A 329 5.47 -15.64 24.27
N ALA A 330 5.63 -16.00 25.54
CA ALA A 330 4.83 -15.39 26.60
C ALA A 330 5.16 -13.91 26.76
N LYS A 331 6.44 -13.54 26.63
CA LYS A 331 6.81 -12.13 26.71
C LYS A 331 6.18 -11.33 25.59
N TRP A 332 6.12 -11.91 24.38
CA TRP A 332 5.46 -11.25 23.27
C TRP A 332 3.96 -11.15 23.49
N ALA A 333 3.33 -12.27 23.88
CA ALA A 333 1.88 -12.30 24.03
C ALA A 333 1.40 -11.30 25.08
N GLU A 334 2.20 -11.08 26.12
CA GLU A 334 1.80 -10.26 27.26
C GLU A 334 2.39 -8.85 27.23
N GLY A 335 3.08 -8.49 26.16
CA GLY A 335 3.67 -7.17 26.07
C GLY A 335 4.74 -6.93 27.12
N ARG A 336 5.65 -7.90 27.28
CA ARG A 336 6.77 -7.77 28.20
C ARG A 336 8.09 -7.96 27.45
N THR A 337 8.14 -7.53 26.18
CA THR A 337 9.34 -7.70 25.38
C THR A 337 10.44 -6.71 25.74
N GLY A 338 10.10 -5.63 26.43
CA GLY A 338 11.07 -4.57 26.66
C GLY A 338 11.17 -3.57 25.53
N PHE A 339 10.47 -3.79 24.42
CA PHE A 339 10.39 -2.82 23.35
C PHE A 339 9.06 -2.08 23.48
N PRO A 340 9.07 -0.80 23.87
CA PRO A 340 7.78 -0.13 24.18
C PRO A 340 6.81 -0.08 23.02
N TRP A 341 7.30 0.06 21.79
CA TRP A 341 6.42 0.04 20.63
C TRP A 341 5.69 -1.29 20.53
N ILE A 342 6.43 -2.40 20.66
CA ILE A 342 5.82 -3.72 20.62
C ILE A 342 4.91 -3.94 21.83
N ASP A 343 5.36 -3.51 23.01
CA ASP A 343 4.58 -3.78 24.23
C ASP A 343 3.31 -2.94 24.27
N ALA A 344 3.37 -1.70 23.78
CA ALA A 344 2.17 -0.87 23.73
C ALA A 344 1.13 -1.45 22.78
N ILE A 345 1.57 -1.92 21.62
CA ILE A 345 0.65 -2.54 20.67
C ILE A 345 -0.06 -3.73 21.30
N MET A 346 0.73 -4.65 21.86
CA MET A 346 0.15 -5.85 22.47
C MET A 346 -0.69 -5.51 23.69
N THR A 347 -0.37 -4.41 24.36
CA THR A 347 -1.20 -3.97 25.48
C THR A 347 -2.53 -3.40 24.99
N GLN A 348 -2.50 -2.57 23.95
CA GLN A 348 -3.76 -2.11 23.35
C GLN A 348 -4.59 -3.28 22.86
N LEU A 349 -3.94 -4.26 22.21
CA LEU A 349 -4.66 -5.42 21.71
C LEU A 349 -5.35 -6.18 22.85
N ARG A 350 -4.61 -6.44 23.92
CA ARG A 350 -5.19 -7.16 25.05
C ARG A 350 -6.31 -6.34 25.70
N GLN A 351 -6.12 -5.03 25.82
CA GLN A 351 -7.06 -4.21 26.58
C GLN A 351 -8.34 -3.93 25.81
N GLU A 352 -8.23 -3.76 24.49
CA GLU A 352 -9.36 -3.28 23.71
C GLU A 352 -9.83 -4.23 22.62
N GLY A 353 -8.93 -5.02 22.05
CA GLY A 353 -9.31 -5.98 21.03
C GLY A 353 -9.11 -5.53 19.60
N TRP A 354 -8.55 -4.34 19.37
CA TRP A 354 -8.28 -3.85 18.03
C TRP A 354 -6.97 -3.08 18.03
N ILE A 355 -6.14 -3.34 17.02
CA ILE A 355 -4.95 -2.55 16.76
C ILE A 355 -4.89 -2.24 15.27
N HIS A 356 -4.14 -1.20 14.94
CA HIS A 356 -4.05 -0.76 13.55
C HIS A 356 -3.44 -1.84 12.67
N HIS A 357 -3.79 -1.82 11.38
N HIS A 357 -3.83 -1.82 11.39
CA HIS A 357 -3.28 -2.84 10.47
CA HIS A 357 -3.32 -2.75 10.39
C HIS A 357 -1.76 -2.85 10.43
C HIS A 357 -1.78 -2.82 10.42
N LEU A 358 -1.13 -1.66 10.43
CA LEU A 358 0.32 -1.63 10.41
C LEU A 358 0.93 -2.03 11.74
N ALA A 359 0.19 -1.86 12.84
CA ALA A 359 0.66 -2.38 14.12
C ALA A 359 0.61 -3.91 14.14
N ARG A 360 -0.35 -4.51 13.44
CA ARG A 360 -0.38 -5.96 13.31
C ARG A 360 0.85 -6.46 12.56
N HIS A 361 1.22 -5.79 11.46
CA HIS A 361 2.47 -6.10 10.76
C HIS A 361 3.65 -6.04 11.71
N ALA A 362 3.72 -5.00 12.55
CA ALA A 362 4.86 -4.79 13.41
C ALA A 362 5.05 -5.94 14.39
N VAL A 363 3.97 -6.34 15.08
CA VAL A 363 4.11 -7.41 16.07
C VAL A 363 4.23 -8.77 15.40
N ALA A 364 3.64 -8.95 14.21
CA ALA A 364 3.77 -10.22 13.51
C ALA A 364 5.21 -10.43 13.04
N CYS A 365 5.84 -9.36 12.54
CA CYS A 365 7.22 -9.49 12.07
C CYS A 365 8.15 -9.73 13.25
N PHE A 366 7.93 -9.04 14.36
CA PHE A 366 8.76 -9.23 15.56
C PHE A 366 8.73 -10.68 16.03
N LEU A 367 7.55 -11.30 16.04
CA LEU A 367 7.44 -12.64 16.58
C LEU A 367 8.04 -13.68 15.65
N THR A 368 7.83 -13.53 14.34
CA THR A 368 8.20 -14.59 13.40
C THR A 368 9.49 -14.29 12.66
N ARG A 369 9.37 -13.78 11.42
CA ARG A 369 10.54 -13.62 10.56
C ARG A 369 11.54 -12.60 11.08
N GLY A 370 11.10 -11.67 11.91
CA GLY A 370 11.96 -10.58 12.33
C GLY A 370 12.92 -10.87 13.46
N ASP A 371 12.39 -11.13 14.66
CA ASP A 371 13.21 -11.15 15.86
C ASP A 371 13.22 -12.49 16.57
N LEU A 372 12.06 -13.08 16.85
CA LEU A 372 12.03 -14.22 17.76
C LEU A 372 12.06 -15.57 17.05
N TRP A 373 11.76 -15.61 15.75
CA TRP A 373 11.76 -16.86 14.96
C TRP A 373 10.82 -17.90 15.58
N ILE A 374 9.69 -17.43 16.10
CA ILE A 374 8.65 -18.31 16.63
C ILE A 374 7.61 -18.51 15.53
N SER A 375 6.98 -19.69 15.54
CA SER A 375 6.09 -20.06 14.44
C SER A 375 4.91 -19.10 14.34
N TRP A 376 4.50 -18.80 13.11
CA TRP A 376 3.31 -17.99 12.87
C TRP A 376 2.05 -18.63 13.45
N GLU A 377 2.06 -19.95 13.64
CA GLU A 377 0.92 -20.61 14.25
C GLU A 377 0.67 -20.11 15.67
N GLU A 378 1.73 -19.74 16.40
CA GLU A 378 1.57 -19.27 17.76
C GLU A 378 1.03 -17.85 17.79
N GLY A 379 1.49 -16.99 16.87
CA GLY A 379 0.94 -15.65 16.80
C GLY A 379 -0.52 -15.64 16.43
N MET A 380 -0.91 -16.53 15.52
CA MET A 380 -2.32 -16.64 15.14
C MET A 380 -3.19 -17.03 16.32
N LYS A 381 -2.71 -17.96 17.15
CA LYS A 381 -3.48 -18.38 18.31
C LYS A 381 -3.68 -17.24 19.29
N VAL A 382 -2.65 -16.41 19.49
CA VAL A 382 -2.82 -15.25 20.36
C VAL A 382 -3.81 -14.27 19.76
N PHE A 383 -3.70 -14.00 18.44
CA PHE A 383 -4.64 -13.10 17.79
C PHE A 383 -6.06 -13.67 17.82
N GLU A 384 -6.20 -14.98 17.63
CA GLU A 384 -7.51 -15.61 17.71
C GLU A 384 -8.17 -15.33 19.04
N GLU A 385 -7.39 -15.31 20.12
CA GLU A 385 -7.92 -15.10 21.45
C GLU A 385 -8.28 -13.64 21.70
N LEU A 386 -7.50 -12.70 21.15
CA LEU A 386 -7.60 -11.30 21.53
C LEU A 386 -8.19 -10.38 20.47
N LEU A 387 -8.06 -10.70 19.19
CA LEU A 387 -8.46 -9.79 18.11
C LEU A 387 -9.95 -9.92 17.82
N LEU A 388 -10.65 -8.78 17.78
CA LEU A 388 -12.09 -8.78 17.56
C LEU A 388 -12.47 -9.04 16.11
N ASP A 389 -11.66 -8.61 15.15
CA ASP A 389 -12.12 -8.44 13.78
C ASP A 389 -11.54 -9.45 12.78
N ALA A 390 -10.80 -10.46 13.23
CA ALA A 390 -10.10 -11.36 12.33
C ALA A 390 -10.65 -12.77 12.49
N ASP A 391 -11.36 -13.25 11.46
CA ASP A 391 -11.85 -14.62 11.45
C ASP A 391 -10.69 -15.60 11.26
N TRP A 392 -11.02 -16.88 11.45
CA TRP A 392 -10.05 -17.97 11.30
C TRP A 392 -9.31 -17.89 9.98
N SER A 393 -10.04 -17.73 8.88
CA SER A 393 -9.41 -17.71 7.56
C SER A 393 -8.50 -16.49 7.39
N ILE A 394 -8.97 -15.31 7.80
CA ILE A 394 -8.19 -14.09 7.63
C ILE A 394 -6.97 -14.11 8.55
N ASN A 395 -7.16 -14.57 9.79
CA ASN A 395 -6.05 -14.66 10.73
C ASN A 395 -4.95 -15.58 10.20
N ALA A 396 -5.32 -16.80 9.82
CA ALA A 396 -4.31 -17.76 9.33
C ALA A 396 -3.64 -17.27 8.06
N GLY A 397 -4.42 -16.73 7.12
CA GLY A 397 -3.84 -16.25 5.88
C GLY A 397 -2.90 -15.08 6.10
N SER A 398 -3.28 -14.15 6.97
CA SER A 398 -2.42 -12.99 7.24
C SER A 398 -1.10 -13.44 7.88
N TRP A 399 -1.16 -14.35 8.84
CA TRP A 399 0.06 -14.77 9.54
C TRP A 399 0.97 -15.55 8.61
N MET A 400 0.41 -16.39 7.73
CA MET A 400 1.23 -17.08 6.74
C MET A 400 1.86 -16.08 5.77
N TRP A 401 1.09 -15.07 5.36
CA TRP A 401 1.61 -14.05 4.44
C TRP A 401 2.78 -13.30 5.06
N LEU A 402 2.59 -12.78 6.27
CA LEU A 402 3.58 -11.89 6.86
C LEU A 402 4.82 -12.63 7.33
N SER A 403 4.73 -13.94 7.55
CA SER A 403 5.89 -14.74 7.92
C SER A 403 6.56 -15.39 6.71
N CYS A 404 6.17 -15.01 5.49
CA CYS A 404 6.76 -15.53 4.25
C CYS A 404 6.54 -17.04 4.11
N SER A 405 5.44 -17.55 4.65
CA SER A 405 5.18 -18.98 4.62
C SER A 405 4.23 -19.40 3.50
N SER A 406 3.58 -18.46 2.83
CA SER A 406 2.72 -18.80 1.70
C SER A 406 2.45 -17.53 0.90
N PHE A 407 1.65 -17.70 -0.16
CA PHE A 407 1.26 -16.61 -1.06
C PHE A 407 2.46 -15.98 -1.75
N PHE A 408 3.49 -16.78 -2.01
CA PHE A 408 4.67 -16.36 -2.77
C PHE A 408 5.27 -15.07 -2.21
N GLN A 409 5.27 -14.94 -0.90
CA GLN A 409 5.77 -13.75 -0.24
C GLN A 409 7.30 -13.77 -0.16
N CYS A 414 12.56 -6.25 7.30
CA CYS A 414 12.37 -6.34 8.74
C CYS A 414 12.11 -4.97 9.37
N TYR A 415 10.94 -4.81 9.97
CA TYR A 415 10.61 -3.56 10.65
C TYR A 415 11.50 -3.38 11.88
N CYS A 416 11.82 -2.13 12.19
CA CYS A 416 12.60 -1.92 13.40
C CYS A 416 11.66 -1.69 14.58
N PRO A 417 11.81 -2.46 15.67
CA PRO A 417 10.89 -2.30 16.81
C PRO A 417 11.13 -1.03 17.61
N VAL A 418 12.17 -0.26 17.29
CA VAL A 418 12.36 1.08 17.84
C VAL A 418 11.96 2.14 16.82
N GLY A 419 12.49 2.03 15.60
CA GLY A 419 12.31 3.08 14.62
C GLY A 419 10.88 3.22 14.12
N PHE A 420 10.17 2.11 13.93
CA PHE A 420 8.83 2.18 13.36
C PHE A 420 7.91 3.01 14.25
N GLY A 421 7.90 2.74 15.55
CA GLY A 421 7.10 3.56 16.45
C GLY A 421 7.53 5.01 16.46
N ARG A 422 8.85 5.24 16.53
CA ARG A 422 9.37 6.60 16.57
C ARG A 422 8.96 7.38 15.31
N ARG A 423 8.93 6.70 14.17
CA ARG A 423 8.49 7.35 12.94
C ARG A 423 7.01 7.67 12.97
N THR A 424 6.20 6.77 13.53
CA THR A 424 4.75 6.90 13.47
C THR A 424 4.23 7.91 14.49
N ASP A 425 4.79 7.89 15.71
CA ASP A 425 4.35 8.78 16.79
C ASP A 425 5.59 9.34 17.45
N PRO A 426 6.17 10.41 16.88
CA PRO A 426 7.46 10.91 17.39
C PRO A 426 7.44 11.30 18.86
N ASN A 427 6.36 11.91 19.34
CA ASN A 427 6.31 12.34 20.73
C ASN A 427 6.11 11.18 21.70
N GLY A 428 5.67 10.02 21.21
CA GLY A 428 5.48 8.88 22.07
C GLY A 428 4.19 8.87 22.87
N ASP A 429 3.17 9.61 22.42
CA ASP A 429 1.91 9.65 23.14
C ASP A 429 1.25 8.28 23.17
N TYR A 430 1.42 7.50 22.10
CA TYR A 430 0.89 6.13 22.07
C TYR A 430 1.50 5.29 23.18
N ILE A 431 2.81 5.40 23.39
CA ILE A 431 3.48 4.66 24.46
C ILE A 431 2.95 5.10 25.81
N ARG A 432 2.87 6.42 26.03
CA ARG A 432 2.45 6.93 27.33
C ARG A 432 1.01 6.52 27.65
N ARG A 433 0.19 6.33 26.61
CA ARG A 433 -1.20 5.95 26.83
C ARG A 433 -1.32 4.51 27.33
N TYR A 434 -0.56 3.58 26.75
CA TYR A 434 -0.74 2.17 27.06
C TYR A 434 0.32 1.60 27.98
N LEU A 435 1.47 2.25 28.14
CA LEU A 435 2.51 1.83 29.08
C LEU A 435 2.74 2.96 30.06
N PRO A 436 1.85 3.15 31.04
CA PRO A 436 1.96 4.32 31.93
C PRO A 436 3.20 4.35 32.78
N VAL A 437 3.90 3.22 32.96
CA VAL A 437 5.12 3.25 33.75
C VAL A 437 6.21 4.07 33.05
N LEU A 438 6.12 4.22 31.72
CA LEU A 438 7.10 4.97 30.95
C LEU A 438 6.74 6.44 30.78
N ARG A 439 5.65 6.91 31.40
CA ARG A 439 5.15 8.25 31.11
C ARG A 439 6.20 9.33 31.36
N GLY A 440 7.10 9.12 32.33
CA GLY A 440 8.05 10.16 32.65
C GLY A 440 9.19 10.31 31.66
N PHE A 441 9.34 9.38 30.72
CA PHE A 441 10.47 9.44 29.82
C PHE A 441 10.23 10.49 28.73
N PRO A 442 11.26 11.23 28.33
CA PRO A 442 11.11 12.16 27.22
C PRO A 442 10.99 11.41 25.90
N ALA A 443 10.48 12.11 24.88
CA ALA A 443 10.36 11.52 23.56
C ALA A 443 11.69 10.97 23.06
N LYS A 444 12.81 11.53 23.53
CA LYS A 444 14.13 11.08 23.08
C LYS A 444 14.38 9.61 23.42
N TYR A 445 13.87 9.12 24.55
CA TYR A 445 14.09 7.73 24.93
C TYR A 445 12.82 6.94 25.13
N ILE A 446 11.65 7.46 24.76
CA ILE A 446 10.42 6.74 25.09
C ILE A 446 10.32 5.43 24.31
N TYR A 447 10.97 5.36 23.15
CA TYR A 447 10.97 4.14 22.36
C TYR A 447 12.18 3.25 22.62
N ASP A 448 13.22 3.76 23.27
CA ASP A 448 14.39 2.97 23.65
C ASP A 448 14.83 3.40 25.04
N PRO A 449 14.01 3.12 26.06
CA PRO A 449 14.30 3.66 27.41
C PRO A 449 15.55 3.06 28.05
N TRP A 450 16.05 1.92 27.54
CA TRP A 450 17.31 1.39 28.05
C TRP A 450 18.48 2.31 27.75
N ASN A 451 18.34 3.20 26.77
CA ASN A 451 19.40 4.15 26.43
C ASN A 451 19.39 5.37 27.33
N ALA A 452 18.37 5.54 28.18
CA ALA A 452 18.27 6.74 28.98
C ALA A 452 19.28 6.71 30.13
N PRO A 453 19.94 7.83 30.41
CA PRO A 453 20.81 7.90 31.59
C PRO A 453 20.03 7.62 32.86
N GLU A 454 20.74 7.07 33.86
CA GLU A 454 20.09 6.67 35.10
C GLU A 454 19.33 7.82 35.76
N GLY A 455 19.85 9.04 35.64
CA GLY A 455 19.16 10.18 36.23
C GLY A 455 17.81 10.45 35.59
N ILE A 456 17.72 10.25 34.27
CA ILE A 456 16.42 10.33 33.61
C ILE A 456 15.50 9.23 34.12
N GLN A 457 16.03 8.01 34.24
CA GLN A 457 15.24 6.89 34.75
C GLN A 457 14.77 7.16 36.18
N LYS A 458 15.59 7.84 36.98
CA LYS A 458 15.23 8.10 38.37
C LYS A 458 14.10 9.12 38.47
N VAL A 459 14.18 10.21 37.72
CA VAL A 459 13.11 11.21 37.79
C VAL A 459 11.85 10.72 37.11
N ALA A 460 11.97 9.76 36.19
CA ALA A 460 10.80 9.10 35.65
C ALA A 460 10.25 8.02 36.56
N LYS A 461 11.00 7.65 37.61
CA LYS A 461 10.58 6.64 38.57
C LYS A 461 10.33 5.29 37.90
N CYS A 462 11.19 4.95 36.94
CA CYS A 462 11.08 3.68 36.23
C CYS A 462 12.49 3.24 35.86
N LEU A 463 13.08 2.37 36.68
CA LEU A 463 14.41 1.82 36.41
C LEU A 463 14.28 0.68 35.41
N ILE A 464 14.98 0.79 34.29
CA ILE A 464 14.89 -0.26 33.27
C ILE A 464 15.56 -1.52 33.78
N GLY A 465 14.84 -2.64 33.68
CA GLY A 465 15.25 -3.87 34.31
C GLY A 465 14.69 -4.08 35.71
N VAL A 466 13.93 -3.12 36.22
CA VAL A 466 13.35 -3.20 37.56
C VAL A 466 11.86 -2.94 37.46
N ASN A 467 11.47 -1.77 36.99
CA ASN A 467 10.06 -1.42 36.86
C ASN A 467 9.51 -1.67 35.47
N TYR A 468 10.38 -1.90 34.48
CA TYR A 468 9.98 -2.18 33.11
C TYR A 468 11.15 -2.96 32.54
N PRO A 469 10.89 -4.08 31.86
CA PRO A 469 11.97 -5.00 31.51
C PRO A 469 12.93 -4.43 30.47
N LYS A 470 14.14 -5.00 30.47
CA LYS A 470 15.11 -4.71 29.43
C LYS A 470 14.67 -5.39 28.12
N PRO A 471 15.15 -4.90 26.98
CA PRO A 471 14.81 -5.56 25.71
C PRO A 471 15.19 -7.03 25.72
N MET A 472 14.30 -7.86 25.20
CA MET A 472 14.48 -9.31 25.27
C MET A 472 15.45 -9.84 24.23
N VAL A 473 15.75 -9.07 23.19
CA VAL A 473 16.72 -9.45 22.17
C VAL A 473 17.48 -8.21 21.72
N ASN A 474 18.66 -8.46 21.16
CA ASN A 474 19.38 -7.46 20.39
C ASN A 474 18.78 -7.47 18.99
N HIS A 475 17.98 -6.44 18.66
CA HIS A 475 17.25 -6.46 17.39
C HIS A 475 18.19 -6.56 16.21
N ALA A 476 19.27 -5.77 16.21
CA ALA A 476 20.19 -5.75 15.08
C ALA A 476 20.79 -7.12 14.84
N GLU A 477 21.18 -7.82 15.92
CA GLU A 477 21.77 -9.14 15.74
C GLU A 477 20.73 -10.19 15.40
N ALA A 478 19.57 -10.14 16.06
CA ALA A 478 18.54 -11.15 15.82
C ALA A 478 18.01 -11.07 14.39
N SER A 479 17.63 -9.87 13.95
CA SER A 479 17.05 -9.72 12.62
C SER A 479 18.05 -10.10 11.52
N ARG A 480 19.33 -9.77 11.73
CA ARG A 480 20.34 -10.13 10.74
C ARG A 480 20.47 -11.64 10.60
N LEU A 481 20.45 -12.35 11.72
CA LEU A 481 20.53 -13.81 11.66
C LEU A 481 19.26 -14.42 11.07
N ASN A 482 18.11 -13.82 11.33
CA ASN A 482 16.85 -14.39 10.84
C ASN A 482 16.65 -14.11 9.36
N ILE A 483 17.17 -12.98 8.86
CA ILE A 483 17.15 -12.74 7.42
C ILE A 483 17.96 -13.80 6.70
N GLU A 484 19.11 -14.19 7.26
CA GLU A 484 19.90 -15.25 6.66
C GLU A 484 19.17 -16.58 6.69
N ARG A 485 18.47 -16.86 7.80
CA ARG A 485 17.67 -18.08 7.88
C ARG A 485 16.62 -18.12 6.79
N MET A 486 15.92 -17.01 6.56
CA MET A 486 14.86 -17.00 5.56
C MET A 486 15.42 -17.05 4.15
N LYS A 487 16.55 -16.40 3.90
CA LYS A 487 17.16 -16.46 2.57
C LYS A 487 17.58 -17.88 2.23
N GLN A 488 18.07 -18.63 3.22
CA GLN A 488 18.40 -20.03 2.98
C GLN A 488 17.15 -20.84 2.64
N ILE A 489 16.03 -20.53 3.31
CA ILE A 489 14.79 -21.24 3.04
C ILE A 489 14.39 -21.08 1.57
N TYR A 490 14.51 -19.86 1.04
CA TYR A 490 14.07 -19.62 -0.33
C TYR A 490 15.11 -20.03 -1.35
N GLN A 491 16.37 -20.22 -0.94
CA GLN A 491 17.32 -20.88 -1.82
C GLN A 491 17.02 -22.37 -1.93
N GLN A 492 16.66 -23.01 -0.81
CA GLN A 492 16.24 -24.41 -0.85
C GLN A 492 15.02 -24.59 -1.75
N LEU A 493 14.07 -23.65 -1.69
CA LEU A 493 12.90 -23.74 -2.55
C LEU A 493 13.26 -23.53 -4.01
N SER A 494 14.16 -22.59 -4.30
CA SER A 494 14.50 -22.25 -5.67
C SER A 494 15.46 -23.26 -6.29
N MET B 3 36.35 19.64 17.52
CA MET B 3 37.73 19.74 17.07
C MET B 3 37.97 18.80 15.89
N GLY B 4 38.80 19.23 14.94
CA GLY B 4 39.03 18.49 13.72
C GLY B 4 38.15 18.96 12.57
N VAL B 5 38.42 18.40 11.39
CA VAL B 5 37.70 18.76 10.18
C VAL B 5 36.65 17.68 9.95
N ASN B 6 35.39 18.01 10.25
CA ASN B 6 34.28 17.07 10.17
C ASN B 6 33.38 17.46 9.01
N ALA B 7 33.20 16.54 8.07
CA ALA B 7 32.54 16.79 6.81
C ALA B 7 31.22 16.03 6.72
N VAL B 8 30.25 16.63 6.04
CA VAL B 8 29.00 15.98 5.69
C VAL B 8 28.79 16.15 4.20
N HIS B 9 28.49 15.04 3.51
CA HIS B 9 28.00 15.11 2.14
C HIS B 9 26.50 14.84 2.13
N TRP B 10 25.75 15.73 1.50
CA TRP B 10 24.30 15.69 1.49
C TRP B 10 23.83 15.06 0.19
N PHE B 11 23.30 13.83 0.27
CA PHE B 11 22.71 13.17 -0.88
C PHE B 11 21.29 13.70 -1.11
N ARG B 12 20.98 14.03 -2.36
CA ARG B 12 19.62 14.33 -2.80
C ARG B 12 19.39 13.59 -4.12
N LYS B 13 19.94 14.13 -5.19
CA LYS B 13 20.17 13.35 -6.40
C LYS B 13 21.59 12.77 -6.30
N GLY B 14 22.15 12.31 -7.41
CA GLY B 14 23.49 11.76 -7.42
C GLY B 14 23.70 10.69 -6.37
N LEU B 15 22.79 9.72 -6.31
CA LEU B 15 22.82 8.67 -5.29
C LEU B 15 23.76 7.56 -5.76
N ARG B 16 25.06 7.84 -5.65
CA ARG B 16 26.08 6.97 -6.22
C ARG B 16 27.44 7.36 -5.65
N LEU B 17 28.39 6.44 -5.78
CA LEU B 17 29.77 6.69 -5.37
C LEU B 17 30.70 6.96 -6.56
N HIS B 18 30.32 6.55 -7.76
CA HIS B 18 31.10 6.87 -8.94
C HIS B 18 30.72 8.26 -9.46
N ASP B 19 31.67 8.89 -10.16
CA ASP B 19 31.55 10.25 -10.68
C ASP B 19 30.79 11.16 -9.72
N ASN B 20 31.31 11.32 -8.50
CA ASN B 20 30.71 12.13 -7.46
C ASN B 20 31.74 13.17 -7.03
N PRO B 21 31.93 14.23 -7.80
CA PRO B 21 33.01 15.19 -7.48
C PRO B 21 32.78 15.95 -6.18
N ALA B 22 31.54 16.22 -5.80
CA ALA B 22 31.28 16.92 -4.54
C ALA B 22 31.74 16.10 -3.35
N LEU B 23 31.37 14.81 -3.33
CA LEU B 23 31.81 13.94 -2.24
C LEU B 23 33.32 13.70 -2.28
N LYS B 24 33.88 13.62 -3.50
CA LYS B 24 35.33 13.52 -3.65
C LYS B 24 36.01 14.71 -2.99
N GLU B 25 35.54 15.93 -3.28
CA GLU B 25 36.18 17.12 -2.76
C GLU B 25 35.94 17.26 -1.26
N CYS B 26 34.77 16.82 -0.80
CA CYS B 26 34.44 16.95 0.61
C CYS B 26 35.38 16.11 1.47
N ILE B 27 35.84 14.98 0.93
CA ILE B 27 36.70 14.07 1.69
C ILE B 27 38.10 14.65 1.85
N GLN B 28 38.55 15.46 0.89
CA GLN B 28 39.90 16.01 0.92
C GLN B 28 40.14 16.83 2.18
N GLY B 29 41.18 16.46 2.93
CA GLY B 29 41.54 17.19 4.13
C GLY B 29 40.58 17.01 5.29
N ALA B 30 39.66 16.04 5.21
CA ALA B 30 38.67 15.83 6.26
C ALA B 30 39.12 14.75 7.22
N ASP B 31 38.88 14.98 8.51
CA ASP B 31 39.16 13.96 9.52
C ASP B 31 38.03 12.93 9.59
N THR B 32 36.79 13.37 9.46
CA THR B 32 35.64 12.47 9.43
C THR B 32 34.72 12.84 8.27
N ILE B 33 33.93 11.87 7.84
CA ILE B 33 32.95 12.06 6.79
C ILE B 33 31.67 11.33 7.17
N ARG B 34 30.53 11.98 6.94
CA ARG B 34 29.21 11.36 7.11
C ARG B 34 28.36 11.73 5.91
N CYS B 35 27.86 10.73 5.19
CA CYS B 35 26.90 10.95 4.11
C CYS B 35 25.48 10.85 4.65
N VAL B 36 24.67 11.86 4.34
CA VAL B 36 23.32 11.98 4.87
C VAL B 36 22.33 12.09 3.72
N TYR B 37 21.16 11.47 3.90
CA TYR B 37 19.99 11.75 3.10
C TYR B 37 18.88 12.23 4.03
N ILE B 38 18.20 13.29 3.63
CA ILE B 38 17.16 13.92 4.44
C ILE B 38 15.82 13.74 3.75
N LEU B 39 14.90 13.03 4.42
CA LEU B 39 13.56 12.80 3.91
C LEU B 39 12.65 13.95 4.31
N ASP B 40 12.11 14.65 3.32
CA ASP B 40 11.24 15.82 3.54
C ASP B 40 10.09 15.52 4.51
N ASN B 48 3.18 15.69 -5.23
CA ASN B 48 2.67 14.32 -5.19
C ASN B 48 3.78 13.32 -5.46
N VAL B 49 3.92 12.33 -4.58
CA VAL B 49 4.91 11.26 -4.73
C VAL B 49 4.21 9.93 -4.46
N GLY B 50 4.29 9.01 -5.42
CA GLY B 50 3.64 7.71 -5.31
C GLY B 50 4.54 6.64 -4.72
N ILE B 51 3.97 5.45 -4.55
CA ILE B 51 4.66 4.39 -3.83
C ILE B 51 5.81 3.81 -4.65
N ASN B 52 5.70 3.82 -5.99
CA ASN B 52 6.80 3.30 -6.80
C ASN B 52 7.99 4.23 -6.78
N ARG B 53 7.76 5.55 -6.68
CA ARG B 53 8.87 6.48 -6.52
C ARG B 53 9.57 6.28 -5.18
N TRP B 54 8.78 6.14 -4.11
CA TRP B 54 9.36 5.97 -2.79
C TRP B 54 10.12 4.66 -2.68
N ARG B 55 9.60 3.58 -3.28
CA ARG B 55 10.31 2.31 -3.24
C ARG B 55 11.62 2.39 -3.98
N PHE B 56 11.63 3.03 -5.15
CA PHE B 56 12.87 3.20 -5.90
C PHE B 56 13.89 4.00 -5.10
N LEU B 57 13.44 5.10 -4.49
CA LEU B 57 14.34 5.89 -3.65
C LEU B 57 14.89 5.07 -2.49
N LEU B 58 14.00 4.42 -1.74
CA LEU B 58 14.45 3.63 -0.60
C LEU B 58 15.44 2.56 -1.02
N GLN B 59 15.20 1.91 -2.16
CA GLN B 59 16.16 0.94 -2.67
C GLN B 59 17.47 1.62 -3.08
N CYS B 60 17.41 2.87 -3.54
CA CYS B 60 18.63 3.61 -3.84
C CYS B 60 19.44 3.84 -2.58
N LEU B 61 18.77 4.19 -1.48
CA LEU B 61 19.48 4.45 -0.22
C LEU B 61 20.04 3.16 0.37
N GLU B 62 19.31 2.05 0.27
CA GLU B 62 19.84 0.78 0.76
C GLU B 62 21.06 0.33 -0.03
N ASP B 63 21.10 0.65 -1.33
CA ASP B 63 22.27 0.30 -2.12
C ASP B 63 23.45 1.21 -1.78
N LEU B 64 23.17 2.49 -1.52
CA LEU B 64 24.21 3.41 -1.07
C LEU B 64 24.77 2.96 0.28
N ASP B 65 23.89 2.62 1.22
CA ASP B 65 24.34 2.16 2.53
C ASP B 65 25.22 0.94 2.40
N ALA B 66 24.81 -0.03 1.57
CA ALA B 66 25.60 -1.25 1.40
C ALA B 66 26.97 -0.95 0.78
N ASN B 67 27.01 -0.07 -0.22
CA ASN B 67 28.29 0.31 -0.80
C ASN B 67 29.15 1.09 0.18
N LEU B 68 28.54 1.91 1.03
CA LEU B 68 29.31 2.63 2.03
C LEU B 68 29.82 1.69 3.12
N ARG B 69 29.09 0.60 3.40
CA ARG B 69 29.58 -0.38 4.37
C ARG B 69 30.87 -1.02 3.87
N LYS B 70 31.03 -1.16 2.54
CA LYS B 70 32.27 -1.69 1.98
C LYS B 70 33.46 -0.81 2.35
N LEU B 71 33.22 0.47 2.61
CA LEU B 71 34.26 1.42 2.96
C LEU B 71 34.31 1.69 4.46
N ASN B 72 33.70 0.82 5.27
CA ASN B 72 33.64 0.99 6.73
C ASN B 72 32.88 2.27 7.09
N SER B 73 31.83 2.57 6.34
CA SER B 73 30.97 3.72 6.60
C SER B 73 29.50 3.28 6.58
N ARG B 74 28.60 4.23 6.80
CA ARG B 74 27.16 3.99 6.72
C ARG B 74 26.49 5.24 6.19
N LEU B 75 25.32 5.04 5.57
CA LEU B 75 24.45 6.17 5.23
C LEU B 75 23.64 6.58 6.45
N PHE B 76 23.52 7.89 6.64
CA PHE B 76 22.68 8.47 7.70
C PHE B 76 21.40 8.99 7.07
N VAL B 77 20.27 8.39 7.41
CA VAL B 77 18.96 8.86 6.96
C VAL B 77 18.29 9.60 8.09
N ILE B 78 17.84 10.82 7.82
CA ILE B 78 17.24 11.69 8.82
C ILE B 78 15.93 12.25 8.28
N ARG B 79 14.89 12.23 9.12
CA ARG B 79 13.61 12.80 8.76
C ARG B 79 13.52 14.23 9.28
N GLY B 80 13.06 15.13 8.44
CA GLY B 80 12.90 16.53 8.83
C GLY B 80 13.13 17.45 7.65
N GLN B 81 12.89 18.73 7.90
CA GLN B 81 13.15 19.74 6.89
C GLN B 81 14.59 20.20 6.97
N PRO B 82 15.32 20.23 5.85
CA PRO B 82 16.76 20.55 5.92
C PRO B 82 17.09 21.85 6.64
N ALA B 83 16.23 22.86 6.57
CA ALA B 83 16.52 24.13 7.25
C ALA B 83 16.48 23.99 8.77
N ASP B 84 15.67 23.07 9.29
CA ASP B 84 15.68 22.81 10.72
C ASP B 84 16.75 21.78 11.08
N VAL B 85 17.01 20.83 10.18
CA VAL B 85 17.84 19.68 10.52
C VAL B 85 19.31 20.07 10.59
N PHE B 86 19.77 20.84 9.60
CA PHE B 86 21.20 21.11 9.45
C PHE B 86 21.79 21.96 10.57
N PRO B 87 21.10 22.99 11.09
CA PRO B 87 21.65 23.68 12.26
C PRO B 87 21.91 22.74 13.43
N ARG B 88 21.06 21.73 13.63
CA ARG B 88 21.28 20.77 14.70
C ARG B 88 22.47 19.87 14.39
N LEU B 89 22.56 19.40 13.14
CA LEU B 89 23.66 18.52 12.75
C LEU B 89 25.01 19.23 12.85
N PHE B 90 25.07 20.49 12.42
CA PHE B 90 26.32 21.25 12.50
C PHE B 90 26.90 21.22 13.90
N LYS B 91 26.04 21.35 14.91
CA LYS B 91 26.50 21.39 16.29
C LYS B 91 26.73 19.99 16.85
N GLU B 92 25.77 19.08 16.65
CA GLU B 92 25.88 17.73 17.19
C GLU B 92 27.16 17.05 16.69
N TRP B 93 27.51 17.28 15.43
CA TRP B 93 28.64 16.62 14.80
C TRP B 93 29.86 17.52 14.66
N ASN B 94 29.75 18.80 15.03
CA ASN B 94 30.85 19.76 14.93
C ASN B 94 31.41 19.82 13.51
N ILE B 95 30.52 20.17 12.58
CA ILE B 95 30.83 20.12 11.15
C ILE B 95 31.51 21.42 10.72
N THR B 96 32.50 21.31 9.84
CA THR B 96 33.13 22.47 9.23
C THR B 96 32.93 22.56 7.73
N LYS B 97 32.54 21.47 7.06
CA LYS B 97 32.34 21.50 5.61
C LYS B 97 31.16 20.62 5.20
N LEU B 98 30.36 21.13 4.27
CA LEU B 98 29.19 20.45 3.73
C LEU B 98 29.29 20.46 2.21
N SER B 99 28.88 19.36 1.58
CA SER B 99 29.00 19.24 0.14
C SER B 99 27.69 18.77 -0.48
N ILE B 100 27.37 19.31 -1.66
CA ILE B 100 26.19 18.94 -2.41
C ILE B 100 26.53 18.90 -3.90
N GLU B 101 25.82 18.04 -4.62
CA GLU B 101 25.77 18.15 -6.06
C GLU B 101 24.81 19.27 -6.43
N TYR B 102 25.20 20.08 -7.41
CA TYR B 102 24.40 21.25 -7.78
C TYR B 102 23.02 20.82 -8.28
N ASP B 103 22.00 21.58 -7.89
CA ASP B 103 20.63 21.36 -8.34
C ASP B 103 20.19 22.58 -9.15
N SER B 104 19.90 22.36 -10.42
CA SER B 104 19.57 23.46 -11.33
C SER B 104 18.12 23.90 -11.23
N GLU B 105 17.25 23.06 -10.70
CA GLU B 105 15.82 23.36 -10.74
C GLU B 105 15.46 24.44 -9.71
N PRO B 106 14.57 25.37 -10.07
CA PRO B 106 14.38 26.58 -9.25
C PRO B 106 14.07 26.31 -7.78
N PHE B 107 13.21 25.34 -7.48
CA PHE B 107 12.89 25.07 -6.08
C PHE B 107 14.10 24.48 -5.35
N GLY B 108 14.91 23.68 -6.03
CA GLY B 108 16.15 23.21 -5.43
C GLY B 108 17.17 24.32 -5.27
N LYS B 109 17.24 25.23 -6.24
CA LYS B 109 18.07 26.42 -6.12
C LYS B 109 17.73 27.20 -4.85
N GLU B 110 16.44 27.50 -4.66
CA GLU B 110 16.02 28.29 -3.51
C GLU B 110 16.31 27.58 -2.19
N ARG B 111 16.04 26.27 -2.13
CA ARG B 111 16.36 25.51 -0.93
C ARG B 111 17.85 25.55 -0.65
N ASP B 112 18.68 25.34 -1.68
CA ASP B 112 20.12 25.28 -1.46
C ASP B 112 20.69 26.64 -1.11
N ALA B 113 20.13 27.72 -1.66
CA ALA B 113 20.55 29.06 -1.26
C ALA B 113 20.27 29.30 0.22
N ALA B 114 19.13 28.80 0.71
CA ALA B 114 18.80 28.95 2.12
C ALA B 114 19.75 28.17 3.00
N ILE B 115 20.12 26.95 2.59
CA ILE B 115 21.03 26.14 3.40
C ILE B 115 22.44 26.71 3.35
N LYS B 116 22.84 27.28 2.21
CA LYS B 116 24.16 27.91 2.14
C LYS B 116 24.27 29.06 3.13
N LYS B 117 23.20 29.83 3.30
CA LYS B 117 23.22 30.93 4.26
C LYS B 117 23.29 30.39 5.68
N LEU B 118 22.51 29.34 5.99
CA LEU B 118 22.58 28.73 7.31
C LEU B 118 23.97 28.19 7.59
N ALA B 119 24.58 27.52 6.59
CA ALA B 119 25.90 26.95 6.77
C ALA B 119 26.96 28.03 7.01
N THR B 120 26.91 29.10 6.20
CA THR B 120 27.88 30.17 6.36
C THR B 120 27.77 30.83 7.73
N GLU B 121 26.53 31.09 8.18
CA GLU B 121 26.34 31.67 9.50
C GLU B 121 26.85 30.74 10.61
N ALA B 122 26.77 29.43 10.39
CA ALA B 122 27.33 28.48 11.33
C ALA B 122 28.83 28.27 11.16
N GLY B 123 29.43 28.88 10.13
CA GLY B 123 30.85 28.74 9.87
C GLY B 123 31.25 27.55 9.04
N VAL B 124 30.30 26.90 8.37
CA VAL B 124 30.57 25.70 7.59
C VAL B 124 30.79 26.09 6.14
N GLU B 125 31.90 25.62 5.55
CA GLU B 125 32.13 25.84 4.14
C GLU B 125 31.32 24.84 3.32
N VAL B 126 30.79 25.30 2.19
CA VAL B 126 29.91 24.48 1.36
C VAL B 126 30.60 24.23 0.03
N ILE B 127 30.73 22.96 -0.32
CA ILE B 127 31.28 22.54 -1.60
C ILE B 127 30.13 22.20 -2.53
N VAL B 128 30.07 22.88 -3.68
CA VAL B 128 29.05 22.65 -4.68
C VAL B 128 29.75 22.26 -5.98
N ARG B 129 29.33 21.14 -6.57
CA ARG B 129 29.90 20.67 -7.82
C ARG B 129 28.79 20.23 -8.77
N ILE B 130 28.99 20.50 -10.06
CA ILE B 130 28.05 20.10 -11.10
C ILE B 130 28.32 18.66 -11.48
N SER B 131 27.28 17.83 -11.49
CA SER B 131 27.45 16.44 -11.93
C SER B 131 26.13 15.75 -12.24
N HIS B 132 25.00 16.45 -12.11
CA HIS B 132 23.74 15.88 -12.54
C HIS B 132 23.43 16.16 -14.01
N THR B 133 24.07 17.17 -14.59
CA THR B 133 23.92 17.48 -16.00
C THR B 133 25.28 17.40 -16.67
N LEU B 134 25.27 17.26 -18.00
CA LEU B 134 26.51 17.17 -18.74
C LEU B 134 27.27 18.49 -18.74
N TYR B 135 26.56 19.60 -18.60
CA TYR B 135 27.15 20.92 -18.81
C TYR B 135 26.79 21.83 -17.66
N ASP B 136 27.55 22.93 -17.56
CA ASP B 136 27.18 24.06 -16.72
C ASP B 136 26.05 24.79 -17.44
N LEU B 137 24.82 24.60 -16.93
CA LEU B 137 23.67 25.21 -17.59
C LEU B 137 23.78 26.72 -17.65
N ASP B 138 24.40 27.34 -16.64
CA ASP B 138 24.57 28.79 -16.66
C ASP B 138 25.55 29.22 -17.74
N LYS B 139 26.49 28.36 -18.12
CA LYS B 139 27.42 28.71 -19.19
C LYS B 139 26.75 28.63 -20.55
N ILE B 140 25.87 27.65 -20.74
CA ILE B 140 25.11 27.55 -21.99
C ILE B 140 24.20 28.77 -22.14
N ILE B 141 23.53 29.16 -21.05
CA ILE B 141 22.68 30.34 -21.08
C ILE B 141 23.49 31.58 -21.40
N GLU B 142 24.75 31.62 -20.93
CA GLU B 142 25.62 32.77 -21.19
C GLU B 142 25.98 32.85 -22.66
N LEU B 143 26.40 31.74 -23.26
CA LEU B 143 26.75 31.73 -24.68
C LEU B 143 25.56 32.11 -25.54
N ASN B 144 24.35 31.76 -25.11
CA ASN B 144 23.14 32.11 -25.86
C ASN B 144 22.67 33.53 -25.59
N GLY B 145 23.38 34.29 -24.75
CA GLY B 145 23.08 35.69 -24.56
C GLY B 145 22.26 36.04 -23.34
N GLY B 146 22.14 35.15 -22.37
CA GLY B 146 21.41 35.44 -21.15
C GLY B 146 20.02 34.84 -21.08
N GLN B 147 19.55 34.18 -22.13
CA GLN B 147 18.27 33.48 -22.12
C GLN B 147 18.48 32.06 -22.63
N PRO B 148 17.76 31.08 -22.08
CA PRO B 148 17.89 29.72 -22.58
C PRO B 148 17.30 29.60 -23.97
N PRO B 149 17.85 28.71 -24.80
CA PRO B 149 17.24 28.48 -26.11
C PRO B 149 15.91 27.76 -25.98
N LEU B 150 14.93 28.18 -26.79
CA LEU B 150 13.61 27.58 -26.79
C LEU B 150 13.40 26.66 -27.98
N THR B 151 14.44 26.38 -28.76
CA THR B 151 14.39 25.36 -29.81
C THR B 151 15.55 24.40 -29.63
N TYR B 152 15.29 23.12 -29.96
CA TYR B 152 16.30 22.09 -29.75
C TYR B 152 17.48 22.27 -30.69
N LYS B 153 17.22 22.71 -31.93
CA LYS B 153 18.29 22.88 -32.90
C LYS B 153 19.29 23.94 -32.45
N ARG B 154 18.79 25.05 -31.89
CA ARG B 154 19.68 26.06 -31.33
C ARG B 154 20.49 25.49 -30.17
N PHE B 155 19.84 24.68 -29.32
CA PHE B 155 20.56 24.03 -28.24
C PHE B 155 21.69 23.15 -28.77
N GLN B 156 21.41 22.38 -29.82
CA GLN B 156 22.44 21.58 -30.46
C GLN B 156 23.60 22.44 -30.92
N THR B 157 23.29 23.61 -31.51
CA THR B 157 24.34 24.51 -31.98
C THR B 157 25.23 24.97 -30.83
N LEU B 158 24.62 25.35 -29.70
CA LEU B 158 25.39 25.78 -28.54
C LEU B 158 26.26 24.65 -27.99
N VAL B 159 25.69 23.44 -27.91
CA VAL B 159 26.42 22.31 -27.33
C VAL B 159 27.62 21.95 -28.20
N SER B 160 27.45 22.03 -29.52
CA SER B 160 28.53 21.66 -30.42
C SER B 160 29.69 22.64 -30.38
N LYS B 161 29.48 23.83 -29.83
CA LYS B 161 30.54 24.81 -29.65
C LYS B 161 31.19 24.75 -28.27
N MET B 162 30.63 23.99 -27.35
CA MET B 162 31.20 23.89 -26.01
C MET B 162 32.55 23.17 -26.05
N GLU B 163 33.31 23.34 -24.97
CA GLU B 163 34.56 22.61 -24.84
C GLU B 163 34.28 21.12 -24.65
N PRO B 164 35.24 20.25 -25.00
CA PRO B 164 35.04 18.82 -24.80
C PRO B 164 34.80 18.49 -23.33
N LEU B 165 34.03 17.42 -23.10
CA LEU B 165 33.64 17.06 -21.75
C LEU B 165 34.84 16.54 -20.96
N GLU B 166 35.04 17.07 -19.76
CA GLU B 166 36.09 16.60 -18.88
C GLU B 166 35.78 15.20 -18.37
N MET B 167 36.82 14.50 -17.95
CA MET B 167 36.68 13.11 -17.53
C MET B 167 35.89 13.03 -16.22
N PRO B 168 35.14 11.94 -16.02
CA PRO B 168 34.37 11.80 -14.79
C PRO B 168 35.26 11.68 -13.57
N ALA B 169 34.75 12.17 -12.44
CA ALA B 169 35.50 12.11 -11.19
C ALA B 169 35.74 10.66 -10.77
N ASP B 170 36.81 10.45 -10.02
CA ASP B 170 37.19 9.11 -9.61
C ASP B 170 36.18 8.54 -8.62
N THR B 171 35.89 7.25 -8.78
CA THR B 171 35.00 6.56 -7.85
C THR B 171 35.54 6.65 -6.43
N ILE B 172 34.62 6.83 -5.47
CA ILE B 172 35.00 6.82 -4.06
C ILE B 172 35.36 5.39 -3.68
N THR B 173 36.64 5.14 -3.41
CA THR B 173 37.13 3.85 -2.96
C THR B 173 37.97 4.05 -1.70
N SER B 174 38.51 2.94 -1.18
CA SER B 174 39.29 3.00 0.05
C SER B 174 40.52 3.90 -0.12
N ASP B 175 41.10 3.94 -1.32
CA ASP B 175 42.26 4.80 -1.55
C ASP B 175 41.88 6.27 -1.44
N VAL B 176 40.70 6.63 -1.95
CA VAL B 176 40.26 8.02 -1.86
C VAL B 176 39.90 8.38 -0.42
N ILE B 177 39.23 7.46 0.28
CA ILE B 177 38.86 7.72 1.68
C ILE B 177 40.11 7.95 2.52
N GLY B 178 41.12 7.10 2.37
CA GLY B 178 42.36 7.28 3.09
C GLY B 178 42.15 7.13 4.58
N LYS B 179 42.70 8.07 5.35
CA LYS B 179 42.60 8.04 6.80
C LYS B 179 41.28 8.62 7.31
N CYS B 180 40.48 9.23 6.43
CA CYS B 180 39.16 9.70 6.82
C CYS B 180 38.30 8.52 7.25
N MET B 181 37.52 8.72 8.31
CA MET B 181 36.68 7.65 8.83
C MET B 181 35.30 8.21 9.16
N THR B 182 34.39 7.29 9.48
CA THR B 182 33.02 7.64 9.84
C THR B 182 32.74 7.16 11.25
N PRO B 183 32.48 8.04 12.21
CA PRO B 183 32.11 7.58 13.57
C PRO B 183 30.71 7.00 13.56
N LEU B 184 30.56 5.82 14.16
CA LEU B 184 29.29 5.12 14.16
C LEU B 184 28.97 4.59 15.54
N SER B 185 27.71 4.75 15.95
CA SER B 185 27.20 4.11 17.15
C SER B 185 26.86 2.66 16.87
N ASP B 186 26.66 1.89 17.94
CA ASP B 186 26.20 0.51 17.77
C ASP B 186 24.72 0.44 17.40
N ASP B 187 23.95 1.47 17.74
CA ASP B 187 22.53 1.55 17.40
C ASP B 187 22.28 2.41 16.17
N HIS B 188 23.11 2.26 15.12
CA HIS B 188 23.03 3.16 13.99
C HIS B 188 21.70 2.99 13.23
N ASP B 189 21.32 1.74 12.96
CA ASP B 189 20.09 1.50 12.22
C ASP B 189 18.88 2.04 12.97
N GLU B 190 18.88 1.92 14.30
CA GLU B 190 17.75 2.39 15.10
C GLU B 190 17.55 3.89 14.94
N LYS B 191 18.64 4.65 14.83
CA LYS B 191 18.57 6.11 14.73
C LYS B 191 18.63 6.63 13.31
N TYR B 192 19.38 5.98 12.41
CA TYR B 192 19.63 6.52 11.09
C TYR B 192 19.38 5.53 9.95
N GLY B 193 18.71 4.41 10.22
CA GLY B 193 18.54 3.40 9.19
C GLY B 193 17.59 3.84 8.09
N VAL B 194 17.71 3.16 6.95
CA VAL B 194 16.77 3.38 5.85
C VAL B 194 15.43 2.76 6.22
N PRO B 195 14.32 3.49 6.15
CA PRO B 195 13.04 2.92 6.53
C PRO B 195 12.42 2.14 5.39
N SER B 196 11.48 1.28 5.75
CA SER B 196 10.67 0.57 4.78
C SER B 196 9.45 1.41 4.41
N LEU B 197 8.74 0.98 3.36
CA LEU B 197 7.53 1.69 2.95
C LEU B 197 6.49 1.70 4.06
N GLU B 198 6.32 0.57 4.75
CA GLU B 198 5.36 0.52 5.85
C GLU B 198 5.77 1.45 6.98
N GLU B 199 7.08 1.62 7.20
CA GLU B 199 7.54 2.55 8.21
C GLU B 199 7.25 3.99 7.84
N LEU B 200 7.03 4.26 6.56
CA LEU B 200 6.57 5.56 6.10
C LEU B 200 5.05 5.66 6.04
N GLY B 201 4.33 4.61 6.43
CA GLY B 201 2.89 4.66 6.43
C GLY B 201 2.21 4.29 5.14
N PHE B 202 2.92 3.63 4.23
CA PHE B 202 2.36 3.22 2.96
C PHE B 202 1.64 1.88 3.08
N ASP B 203 0.57 1.72 2.31
CA ASP B 203 -0.12 0.44 2.20
C ASP B 203 0.56 -0.38 1.11
N THR B 204 1.27 -1.43 1.52
CA THR B 204 2.03 -2.28 0.61
C THR B 204 1.34 -3.61 0.32
N ASP B 205 0.09 -3.78 0.76
CA ASP B 205 -0.59 -5.06 0.63
C ASP B 205 -0.72 -5.46 -0.83
N GLY B 206 -0.14 -6.61 -1.18
CA GLY B 206 -0.22 -7.12 -2.53
C GLY B 206 0.78 -6.54 -3.50
N LEU B 207 1.64 -5.63 -3.04
CA LEU B 207 2.70 -5.09 -3.91
C LEU B 207 3.59 -6.22 -4.41
N SER B 208 3.85 -6.22 -5.71
CA SER B 208 4.74 -7.21 -6.29
C SER B 208 6.17 -6.68 -6.33
N SER B 209 7.09 -7.54 -6.74
CA SER B 209 8.49 -7.14 -6.84
C SER B 209 8.64 -6.05 -7.89
N ALA B 210 9.53 -5.10 -7.62
CA ALA B 210 9.70 -3.95 -8.50
C ALA B 210 10.20 -4.39 -9.86
N VAL B 211 9.58 -3.85 -10.91
CA VAL B 211 10.11 -4.04 -12.25
C VAL B 211 11.38 -3.24 -12.44
N TRP B 212 11.51 -2.12 -11.73
CA TRP B 212 12.69 -1.25 -11.79
C TRP B 212 13.32 -1.16 -10.41
N PRO B 213 14.20 -2.10 -10.05
CA PRO B 213 14.85 -2.01 -8.74
C PRO B 213 15.85 -0.87 -8.71
N GLY B 214 15.88 -0.16 -7.57
CA GLY B 214 16.70 1.03 -7.46
C GLY B 214 18.15 0.74 -7.11
N GLY B 215 19.01 1.72 -7.35
CA GLY B 215 20.37 1.65 -6.87
C GLY B 215 21.46 1.74 -7.91
N GLU B 216 22.63 2.22 -7.48
CA GLU B 216 23.79 2.34 -8.35
C GLU B 216 24.26 0.99 -8.86
N THR B 217 24.21 -0.04 -7.99
CA THR B 217 24.63 -1.38 -8.42
C THR B 217 23.78 -1.88 -9.58
N GLU B 218 22.46 -1.76 -9.46
CA GLU B 218 21.58 -2.14 -10.56
C GLU B 218 21.85 -1.30 -11.80
N ALA B 219 22.11 0.00 -11.60
CA ALA B 219 22.33 0.90 -12.74
C ALA B 219 23.59 0.53 -13.51
N LEU B 220 24.66 0.18 -12.79
CA LEU B 220 25.91 -0.16 -13.46
C LEU B 220 25.84 -1.54 -14.09
N THR B 221 25.10 -2.47 -13.47
CA THR B 221 24.84 -3.76 -14.11
C THR B 221 24.11 -3.58 -15.43
N ARG B 222 23.07 -2.74 -15.42
CA ARG B 222 22.28 -2.51 -16.64
C ARG B 222 23.10 -1.78 -17.70
N LEU B 223 23.91 -0.80 -17.28
CA LEU B 223 24.76 -0.08 -18.23
C LEU B 223 25.66 -1.03 -19.01
N GLU B 224 26.27 -2.00 -18.31
CA GLU B 224 27.15 -2.95 -18.98
C GLU B 224 26.38 -3.87 -19.90
N ARG B 225 25.21 -4.34 -19.46
CA ARG B 225 24.36 -5.16 -20.33
C ARG B 225 23.80 -4.33 -21.49
N HIS B 226 23.45 -3.06 -21.21
CA HIS B 226 22.92 -2.19 -22.25
C HIS B 226 23.92 -1.99 -23.38
N LEU B 227 25.18 -1.70 -23.03
CA LEU B 227 26.19 -1.42 -24.04
C LEU B 227 26.56 -2.65 -24.83
N GLU B 228 26.59 -3.80 -24.19
CA GLU B 228 26.82 -5.05 -24.90
C GLU B 228 25.73 -5.31 -25.93
N ARG B 229 24.51 -4.88 -25.66
CA ARG B 229 23.42 -5.08 -26.61
C ARG B 229 23.55 -4.12 -27.79
N LYS B 230 23.89 -2.85 -27.52
CA LYS B 230 24.03 -1.90 -28.61
C LYS B 230 25.22 -2.22 -29.51
N ALA B 231 26.21 -2.93 -28.98
CA ALA B 231 27.41 -3.27 -29.72
C ALA B 231 27.11 -4.15 -30.92
N ASN B 242 7.85 -1.16 -31.79
CA ASN B 242 7.36 -2.53 -31.81
C ASN B 242 6.51 -2.82 -30.57
N ALA B 243 5.78 -3.94 -30.59
CA ALA B 243 4.96 -4.31 -29.44
C ALA B 243 5.81 -4.58 -28.21
N ASN B 244 6.93 -5.28 -28.39
CA ASN B 244 7.81 -5.58 -27.25
C ASN B 244 8.41 -4.32 -26.66
N SER B 245 8.46 -3.22 -27.42
CA SER B 245 9.03 -1.99 -26.91
C SER B 245 8.18 -1.41 -25.78
N LEU B 246 6.89 -1.73 -25.76
CA LEU B 246 6.00 -1.18 -24.74
C LEU B 246 6.35 -1.69 -23.35
N LEU B 247 6.94 -2.87 -23.26
CA LEU B 247 7.28 -3.46 -21.97
C LEU B 247 8.64 -2.97 -21.50
N ALA B 248 8.82 -2.95 -20.19
CA ALA B 248 10.04 -2.42 -19.60
C ALA B 248 11.25 -3.26 -20.00
N SER B 249 12.31 -2.60 -20.44
CA SER B 249 13.47 -3.39 -20.83
C SER B 249 14.35 -3.67 -19.62
N PRO B 250 14.93 -4.87 -19.54
CA PRO B 250 15.87 -5.16 -18.45
C PRO B 250 17.15 -4.33 -18.51
N THR B 251 17.41 -3.65 -19.62
CA THR B 251 18.58 -2.79 -19.74
C THR B 251 18.20 -1.31 -19.84
N GLY B 252 17.01 -0.95 -19.39
CA GLY B 252 16.60 0.45 -19.43
C GLY B 252 17.31 1.26 -18.36
N LEU B 253 17.63 2.50 -18.68
CA LEU B 253 18.43 3.34 -17.82
C LEU B 253 17.73 4.62 -17.35
N SER B 254 16.55 4.92 -17.86
CA SER B 254 15.96 6.23 -17.61
C SER B 254 15.73 6.56 -16.13
N PRO B 255 15.21 5.66 -15.28
CA PRO B 255 15.05 6.06 -13.86
C PRO B 255 16.37 6.24 -13.16
N TYR B 256 17.41 5.49 -13.55
CA TYR B 256 18.69 5.58 -12.88
C TYR B 256 19.40 6.89 -13.20
N LEU B 257 19.09 7.48 -14.35
CA LEU B 257 19.62 8.81 -14.67
C LEU B 257 18.88 9.90 -13.89
N ARG B 258 17.58 9.70 -13.64
CA ARG B 258 16.81 10.71 -12.91
C ARG B 258 17.24 10.76 -11.45
N PHE B 259 17.46 9.61 -10.82
CA PHE B 259 17.86 9.56 -9.42
C PHE B 259 19.36 9.74 -9.22
N GLY B 260 20.15 9.74 -10.29
CA GLY B 260 21.58 9.85 -10.14
C GLY B 260 22.29 8.55 -9.83
N CYS B 261 21.59 7.41 -9.88
CA CYS B 261 22.23 6.11 -9.72
C CYS B 261 23.28 5.89 -10.80
N LEU B 262 23.06 6.48 -11.97
CA LEU B 262 23.99 6.40 -13.09
C LEU B 262 24.38 7.82 -13.49
N SER B 263 25.68 8.07 -13.53
CA SER B 263 26.18 9.37 -13.96
C SER B 263 25.89 9.59 -15.44
N CYS B 264 25.39 10.79 -15.78
CA CYS B 264 25.19 11.11 -17.19
C CYS B 264 26.53 11.21 -17.91
N ARG B 265 27.57 11.69 -17.22
CA ARG B 265 28.87 11.82 -17.85
C ARG B 265 29.51 10.47 -18.09
N LEU B 266 29.38 9.54 -17.15
CA LEU B 266 29.89 8.18 -17.36
C LEU B 266 29.19 7.52 -18.54
N PHE B 267 27.85 7.63 -18.58
CA PHE B 267 27.10 7.09 -19.72
C PHE B 267 27.56 7.73 -21.03
N TYR B 268 27.74 9.06 -21.01
CA TYR B 268 28.26 9.77 -22.18
C TYR B 268 29.58 9.17 -22.64
N PHE B 269 30.52 8.97 -21.71
CA PHE B 269 31.85 8.51 -22.08
C PHE B 269 31.86 7.06 -22.53
N LYS B 270 31.00 6.23 -21.94
CA LYS B 270 30.91 4.83 -22.38
C LYS B 270 30.33 4.74 -23.79
N LEU B 271 29.35 5.59 -24.11
CA LEU B 271 28.80 5.62 -25.46
C LEU B 271 29.85 6.07 -26.48
N THR B 272 30.56 7.14 -26.16
CA THR B 272 31.65 7.61 -27.00
C THR B 272 32.70 6.51 -27.18
N ASP B 273 33.03 5.80 -26.11
CA ASP B 273 34.01 4.72 -26.17
C ASP B 273 33.51 3.59 -27.07
N LEU B 274 32.25 3.20 -26.92
CA LEU B 274 31.67 2.17 -27.77
C LEU B 274 31.69 2.59 -29.24
N TYR B 275 31.26 3.82 -29.52
CA TYR B 275 31.18 4.30 -30.90
C TYR B 275 32.55 4.22 -31.58
N LYS B 276 33.61 4.62 -30.88
CA LYS B 276 34.93 4.59 -31.50
C LYS B 276 35.41 3.17 -31.73
N LYS B 277 35.01 2.22 -30.87
CA LYS B 277 35.42 0.84 -31.05
C LYS B 277 34.80 0.22 -32.30
N VAL B 278 33.59 0.64 -32.66
CA VAL B 278 32.87 0.05 -33.78
C VAL B 278 32.79 1.03 -34.94
N SER B 282 35.51 7.89 -34.14
CA SER B 282 35.52 8.99 -35.09
C SER B 282 34.87 10.24 -34.51
N SER B 283 34.04 10.90 -35.31
CA SER B 283 33.23 12.02 -34.85
C SER B 283 31.78 11.58 -34.80
N PRO B 284 31.24 11.22 -33.63
CA PRO B 284 29.88 10.71 -33.58
C PRO B 284 28.88 11.81 -33.85
N PRO B 285 27.75 11.50 -34.46
CA PRO B 285 26.66 12.48 -34.53
C PRO B 285 26.15 12.75 -33.13
N LEU B 286 25.57 13.94 -32.96
CA LEU B 286 25.01 14.28 -31.65
C LEU B 286 23.73 13.51 -31.37
N SER B 287 23.16 12.87 -32.38
CA SER B 287 22.08 11.93 -32.16
C SER B 287 22.53 10.73 -31.33
N LEU B 288 23.84 10.46 -31.31
CA LEU B 288 24.35 9.42 -30.42
C LEU B 288 24.01 9.72 -28.97
N TYR B 289 24.08 11.00 -28.58
CA TYR B 289 23.72 11.44 -27.24
C TYR B 289 22.33 12.06 -27.20
N GLY B 290 21.39 11.52 -27.98
CA GLY B 290 20.07 12.11 -28.07
C GLY B 290 19.33 12.10 -26.74
N GLN B 291 19.44 11.00 -25.99
CA GLN B 291 18.78 10.92 -24.70
C GLN B 291 19.31 11.98 -23.74
N LEU B 292 20.64 12.09 -23.64
CA LEU B 292 21.23 13.05 -22.70
C LEU B 292 20.95 14.48 -23.11
N LEU B 293 20.97 14.78 -24.41
CA LEU B 293 20.86 16.17 -24.85
C LEU B 293 19.45 16.71 -24.65
N TRP B 294 18.43 15.88 -24.89
CA TRP B 294 17.06 16.32 -24.64
C TRP B 294 16.85 16.61 -23.16
N ARG B 295 17.50 15.81 -22.31
CA ARG B 295 17.44 16.03 -20.87
C ARG B 295 18.06 17.36 -20.49
N GLU B 296 19.24 17.68 -21.04
CA GLU B 296 19.88 18.96 -20.78
C GLU B 296 19.02 20.13 -21.26
N PHE B 297 18.34 19.95 -22.39
CA PHE B 297 17.56 21.04 -22.97
C PHE B 297 16.51 21.54 -21.99
N PHE B 298 15.76 20.62 -21.38
CA PHE B 298 14.66 21.00 -20.50
C PHE B 298 15.19 21.55 -19.18
N TYR B 299 16.26 20.96 -18.64
CA TYR B 299 16.89 21.51 -17.44
C TYR B 299 17.34 22.95 -17.67
N THR B 300 17.90 23.22 -18.85
CA THR B 300 18.37 24.57 -19.17
C THR B 300 17.21 25.54 -19.32
N ALA B 301 16.12 25.10 -19.96
CA ALA B 301 14.96 25.97 -20.15
C ALA B 301 14.32 26.33 -18.81
N ALA B 302 14.42 25.44 -17.83
CA ALA B 302 13.66 25.60 -16.59
C ALA B 302 14.42 26.37 -15.52
N THR B 303 15.76 26.39 -15.59
CA THR B 303 16.55 26.71 -14.40
C THR B 303 16.30 28.13 -13.91
N ASN B 304 16.03 29.07 -14.80
CA ASN B 304 15.79 30.46 -14.41
C ASN B 304 14.32 30.85 -14.46
N ASN B 305 13.42 29.87 -14.43
CA ASN B 305 11.98 30.11 -14.58
C ASN B 305 11.26 29.47 -13.39
N PRO B 306 11.02 30.21 -12.32
CA PRO B 306 10.37 29.62 -11.15
C PRO B 306 8.94 29.18 -11.38
N ARG B 307 8.27 29.70 -12.41
CA ARG B 307 6.91 29.26 -12.74
C ARG B 307 6.89 28.45 -14.04
N PHE B 308 7.95 27.68 -14.27
CA PHE B 308 8.05 26.83 -15.45
C PHE B 308 6.97 25.74 -15.45
N ASP B 309 6.47 25.37 -14.27
CA ASP B 309 5.48 24.31 -14.13
C ASP B 309 4.06 24.86 -14.05
N LYS B 310 3.84 26.10 -14.46
CA LYS B 310 2.54 26.75 -14.40
C LYS B 310 2.17 27.33 -15.75
N MET B 311 0.89 27.67 -15.91
CA MET B 311 0.44 28.42 -17.08
C MET B 311 0.42 29.92 -16.79
N GLU B 312 -0.42 30.35 -15.85
CA GLU B 312 -0.49 31.76 -15.48
C GLU B 312 0.81 32.18 -14.80
N GLY B 313 1.36 33.32 -15.23
CA GLY B 313 2.61 33.81 -14.72
C GLY B 313 3.84 33.18 -15.34
N ASN B 314 3.68 32.28 -16.31
CA ASN B 314 4.80 31.65 -16.99
C ASN B 314 5.06 32.40 -18.29
N PRO B 315 6.19 33.11 -18.42
CA PRO B 315 6.39 33.94 -19.62
C PRO B 315 6.43 33.15 -20.92
N ILE B 316 6.84 31.87 -20.90
CA ILE B 316 7.01 31.12 -22.14
C ILE B 316 5.79 30.26 -22.47
N CYS B 317 4.73 30.32 -21.67
CA CYS B 317 3.59 29.42 -21.82
C CYS B 317 2.41 30.17 -22.40
N VAL B 318 1.89 29.67 -23.53
CA VAL B 318 0.65 30.19 -24.10
C VAL B 318 -0.48 30.02 -23.09
N GLN B 319 -1.33 31.04 -22.96
CA GLN B 319 -2.45 31.02 -22.04
C GLN B 319 -3.68 30.43 -22.75
N ILE B 320 -4.16 29.30 -22.24
CA ILE B 320 -5.23 28.55 -22.91
C ILE B 320 -6.34 28.25 -21.92
N PRO B 321 -7.61 28.47 -22.29
CA PRO B 321 -8.74 28.19 -21.37
C PRO B 321 -9.09 26.70 -21.29
N TRP B 322 -8.38 25.99 -20.44
CA TRP B 322 -8.60 24.56 -20.27
C TRP B 322 -9.88 24.30 -19.49
N ASP B 323 -10.51 23.17 -19.79
CA ASP B 323 -11.64 22.69 -19.01
C ASP B 323 -11.20 22.36 -17.60
N LYS B 324 -12.09 22.59 -16.64
CA LYS B 324 -11.92 22.14 -15.27
C LYS B 324 -12.92 21.01 -15.04
N ASN B 325 -12.42 19.78 -15.04
CA ASN B 325 -13.27 18.58 -15.00
C ASN B 325 -12.59 17.53 -14.14
N PRO B 326 -12.75 17.62 -12.81
CA PRO B 326 -12.08 16.66 -11.91
C PRO B 326 -12.51 15.21 -12.13
N GLU B 327 -13.76 14.97 -12.52
CA GLU B 327 -14.21 13.60 -12.75
C GLU B 327 -13.55 13.00 -13.98
N ALA B 328 -13.44 13.79 -15.06
CA ALA B 328 -12.74 13.30 -16.24
C ALA B 328 -11.26 13.13 -15.96
N LEU B 329 -10.66 14.05 -15.20
CA LEU B 329 -9.27 13.90 -14.82
C LEU B 329 -9.04 12.61 -14.04
N ALA B 330 -9.96 12.26 -13.15
CA ALA B 330 -9.79 11.08 -12.32
C ALA B 330 -9.85 9.80 -13.15
N LYS B 331 -10.74 9.76 -14.15
CA LYS B 331 -10.82 8.57 -15.00
C LYS B 331 -9.54 8.40 -15.81
N TRP B 332 -8.98 9.50 -16.33
CA TRP B 332 -7.70 9.42 -17.02
C TRP B 332 -6.60 8.97 -16.09
N ALA B 333 -6.50 9.61 -14.91
CA ALA B 333 -5.43 9.30 -13.98
C ALA B 333 -5.46 7.84 -13.53
N GLU B 334 -6.65 7.25 -13.41
CA GLU B 334 -6.81 5.91 -12.88
C GLU B 334 -7.00 4.86 -13.97
N GLY B 335 -6.94 5.24 -15.24
CA GLY B 335 -7.12 4.28 -16.31
C GLY B 335 -8.51 3.70 -16.39
N ARG B 336 -9.54 4.54 -16.28
CA ARG B 336 -10.93 4.14 -16.39
C ARG B 336 -11.64 4.93 -17.50
N THR B 337 -10.90 5.25 -18.57
CA THR B 337 -11.46 6.03 -19.66
C THR B 337 -12.39 5.21 -20.56
N GLY B 338 -12.30 3.89 -20.52
CA GLY B 338 -13.04 3.06 -21.45
C GLY B 338 -12.34 2.83 -22.77
N PHE B 339 -11.19 3.48 -22.99
CA PHE B 339 -10.35 3.19 -24.14
C PHE B 339 -9.22 2.28 -23.69
N PRO B 340 -9.23 0.99 -24.07
CA PRO B 340 -8.22 0.06 -23.51
C PRO B 340 -6.78 0.51 -23.73
N TRP B 341 -6.48 1.09 -24.89
CA TRP B 341 -5.14 1.59 -25.14
C TRP B 341 -4.73 2.62 -24.11
N ILE B 342 -5.59 3.63 -23.88
CA ILE B 342 -5.30 4.64 -22.88
C ILE B 342 -5.24 4.02 -21.48
N ASP B 343 -6.18 3.12 -21.18
CA ASP B 343 -6.29 2.57 -19.83
C ASP B 343 -5.15 1.61 -19.52
N ALA B 344 -4.67 0.85 -20.50
CA ALA B 344 -3.55 -0.05 -20.25
C ALA B 344 -2.27 0.72 -19.98
N ILE B 345 -2.05 1.81 -20.71
CA ILE B 345 -0.85 2.64 -20.49
C ILE B 345 -0.85 3.19 -19.07
N MET B 346 -1.98 3.79 -18.66
CA MET B 346 -2.04 4.37 -17.33
C MET B 346 -1.97 3.31 -16.24
N THR B 347 -2.39 2.08 -16.55
CA THR B 347 -2.27 1.01 -15.59
C THR B 347 -0.82 0.54 -15.46
N GLN B 348 -0.12 0.40 -16.59
CA GLN B 348 1.31 0.08 -16.52
C GLN B 348 2.08 1.17 -15.80
N LEU B 349 1.73 2.44 -16.06
CA LEU B 349 2.37 3.55 -15.38
C LEU B 349 2.20 3.44 -13.87
N ARG B 350 0.97 3.20 -13.41
CA ARG B 350 0.71 3.14 -11.99
C ARG B 350 1.33 1.90 -11.36
N GLN B 351 1.32 0.77 -12.07
CA GLN B 351 1.81 -0.47 -11.48
C GLN B 351 3.33 -0.51 -11.42
N GLU B 352 3.99 0.02 -12.44
CA GLU B 352 5.44 -0.16 -12.59
C GLU B 352 6.25 1.12 -12.54
N GLY B 353 5.70 2.25 -12.97
CA GLY B 353 6.40 3.51 -12.92
C GLY B 353 7.12 3.92 -14.19
N TRP B 354 6.97 3.17 -15.28
CA TRP B 354 7.60 3.51 -16.54
C TRP B 354 6.68 3.10 -17.69
N ILE B 355 6.60 3.96 -18.69
CA ILE B 355 5.88 3.67 -19.93
C ILE B 355 6.70 4.23 -21.10
N HIS B 356 6.49 3.64 -22.27
CA HIS B 356 7.25 4.03 -23.45
C HIS B 356 7.02 5.50 -23.79
N HIS B 357 8.06 6.10 -24.37
N HIS B 357 8.02 6.11 -24.42
CA HIS B 357 8.03 7.48 -24.86
CA HIS B 357 7.94 7.53 -24.76
C HIS B 357 6.75 7.80 -25.62
C HIS B 357 6.71 7.83 -25.62
N LEU B 358 6.40 6.96 -26.59
CA LEU B 358 5.25 7.24 -27.44
C LEU B 358 3.93 6.97 -26.71
N ALA B 359 3.96 6.12 -25.69
CA ALA B 359 2.80 5.98 -24.82
C ALA B 359 2.56 7.24 -24.01
N ARG B 360 3.64 7.93 -23.61
CA ARG B 360 3.50 9.22 -22.94
C ARG B 360 2.86 10.24 -23.86
N HIS B 361 3.28 10.26 -25.13
CA HIS B 361 2.59 11.06 -26.14
C HIS B 361 1.09 10.75 -26.18
N ALA B 362 0.75 9.46 -26.19
CA ALA B 362 -0.63 9.05 -26.40
C ALA B 362 -1.55 9.55 -25.27
N VAL B 363 -1.14 9.33 -24.02
CA VAL B 363 -2.01 9.71 -22.91
C VAL B 363 -1.99 11.22 -22.71
N ALA B 364 -0.86 11.88 -23.00
CA ALA B 364 -0.82 13.33 -22.86
C ALA B 364 -1.72 14.01 -23.89
N CYS B 365 -1.72 13.49 -25.13
CA CYS B 365 -2.60 14.05 -26.15
C CYS B 365 -4.06 13.85 -25.76
N PHE B 366 -4.40 12.65 -25.26
CA PHE B 366 -5.77 12.37 -24.84
C PHE B 366 -6.25 13.33 -23.76
N LEU B 367 -5.39 13.65 -22.80
CA LEU B 367 -5.82 14.48 -21.68
C LEU B 367 -6.00 15.93 -22.08
N THR B 368 -5.09 16.45 -22.91
CA THR B 368 -5.05 17.89 -23.15
C THR B 368 -5.67 18.25 -24.50
N ARG B 369 -4.82 18.54 -25.49
CA ARG B 369 -5.30 19.05 -26.78
C ARG B 369 -6.16 18.04 -27.53
N GLY B 370 -6.04 16.75 -27.22
CA GLY B 370 -6.76 15.75 -27.99
C GLY B 370 -8.23 15.64 -27.65
N ASP B 371 -8.55 15.07 -26.50
CA ASP B 371 -9.92 14.67 -26.18
C ASP B 371 -10.52 15.42 -25.02
N LEU B 372 -9.85 15.48 -23.87
CA LEU B 372 -10.49 15.95 -22.65
C LEU B 372 -10.36 17.45 -22.43
N TRP B 373 -9.39 18.10 -23.06
CA TRP B 373 -9.18 19.54 -22.93
C TRP B 373 -8.94 19.95 -21.47
N ILE B 374 -8.21 19.12 -20.74
CA ILE B 374 -7.83 19.40 -19.37
C ILE B 374 -6.41 19.95 -19.35
N SER B 375 -6.11 20.79 -18.37
CA SER B 375 -4.83 21.49 -18.33
C SER B 375 -3.65 20.52 -18.27
N TRP B 376 -2.58 20.88 -18.99
CA TRP B 376 -1.34 20.11 -18.92
C TRP B 376 -0.76 20.10 -17.52
N GLU B 377 -1.10 21.07 -16.68
CA GLU B 377 -0.62 21.09 -15.31
C GLU B 377 -1.15 19.90 -14.53
N GLU B 378 -2.39 19.49 -14.81
CA GLU B 378 -2.95 18.33 -14.12
C GLU B 378 -2.27 17.04 -14.56
N GLY B 379 -2.01 16.90 -15.86
CA GLY B 379 -1.28 15.72 -16.32
C GLY B 379 0.12 15.66 -15.76
N MET B 380 0.80 16.82 -15.71
CA MET B 380 2.15 16.86 -15.15
C MET B 380 2.14 16.41 -13.69
N LYS B 381 1.13 16.83 -12.93
CA LYS B 381 1.05 16.44 -11.52
C LYS B 381 0.86 14.94 -11.36
N VAL B 382 0.11 14.31 -12.27
CA VAL B 382 -0.06 12.86 -12.20
C VAL B 382 1.26 12.17 -12.55
N PHE B 383 1.97 12.66 -13.56
CA PHE B 383 3.25 12.07 -13.93
C PHE B 383 4.29 12.25 -12.83
N GLU B 384 4.24 13.37 -12.09
CA GLU B 384 5.18 13.55 -11.00
C GLU B 384 4.96 12.51 -9.91
N GLU B 385 3.71 12.13 -9.66
CA GLU B 385 3.43 11.11 -8.65
C GLU B 385 3.89 9.73 -9.10
N LEU B 386 3.69 9.41 -10.38
CA LEU B 386 3.80 8.03 -10.85
C LEU B 386 5.06 7.73 -11.66
N LEU B 387 5.58 8.68 -12.42
CA LEU B 387 6.66 8.39 -13.36
C LEU B 387 8.01 8.38 -12.64
N LEU B 388 8.84 7.38 -12.95
CA LEU B 388 10.12 7.22 -12.27
C LEU B 388 11.21 8.12 -12.84
N ASP B 389 11.19 8.39 -14.14
CA ASP B 389 12.36 8.89 -14.84
C ASP B 389 12.26 10.35 -15.26
N ALA B 390 11.23 11.08 -14.83
CA ALA B 390 10.99 12.44 -15.30
C ALA B 390 11.12 13.40 -14.14
N ASP B 391 12.14 14.26 -14.19
CA ASP B 391 12.30 15.30 -13.19
C ASP B 391 11.33 16.45 -13.46
N TRP B 392 11.28 17.38 -12.49
CA TRP B 392 10.40 18.54 -12.56
C TRP B 392 10.51 19.28 -13.90
N SER B 393 11.75 19.60 -14.29
CA SER B 393 11.97 20.36 -15.52
C SER B 393 11.52 19.58 -16.74
N ILE B 394 11.93 18.31 -16.83
CA ILE B 394 11.62 17.52 -18.01
C ILE B 394 10.13 17.24 -18.09
N ASN B 395 9.49 16.99 -16.94
CA ASN B 395 8.06 16.76 -16.91
C ASN B 395 7.29 18.00 -17.36
N ALA B 396 7.65 19.16 -16.80
CA ALA B 396 6.94 20.39 -17.16
C ALA B 396 7.16 20.74 -18.62
N GLY B 397 8.41 20.65 -19.09
CA GLY B 397 8.70 20.99 -20.47
C GLY B 397 8.04 20.07 -21.47
N SER B 398 7.98 18.78 -21.16
CA SER B 398 7.33 17.83 -22.08
C SER B 398 5.83 18.08 -22.13
N TRP B 399 5.20 18.34 -20.99
CA TRP B 399 3.76 18.54 -20.99
C TRP B 399 3.38 19.85 -21.66
N MET B 400 4.21 20.89 -21.51
CA MET B 400 3.99 22.12 -22.25
C MET B 400 4.17 21.90 -23.74
N TRP B 401 5.19 21.12 -24.13
CA TRP B 401 5.44 20.86 -25.54
C TRP B 401 4.27 20.12 -26.18
N LEU B 402 3.84 19.01 -25.56
CA LEU B 402 2.84 18.14 -26.17
C LEU B 402 1.45 18.73 -26.14
N SER B 403 1.20 19.69 -25.27
CA SER B 403 -0.10 20.37 -25.25
C SER B 403 -0.10 21.63 -26.12
N CYS B 404 0.96 21.87 -26.88
CA CYS B 404 1.11 23.07 -27.72
C CYS B 404 1.01 24.34 -26.89
N SER B 405 1.66 24.34 -25.72
CA SER B 405 1.66 25.50 -24.84
C SER B 405 2.98 26.26 -24.83
N SER B 406 4.05 25.71 -25.38
CA SER B 406 5.31 26.44 -25.48
C SER B 406 6.19 25.77 -26.53
N PHE B 407 7.40 26.31 -26.67
CA PHE B 407 8.39 25.83 -27.63
C PHE B 407 7.91 25.98 -29.07
N PHE B 408 7.11 27.02 -29.30
CA PHE B 408 6.78 27.50 -30.65
C PHE B 408 6.14 26.45 -31.56
N CYS B 414 -3.69 14.98 -33.65
CA CYS B 414 -4.48 14.25 -32.65
C CYS B 414 -4.39 12.74 -32.85
N TYR B 415 -3.72 12.05 -31.93
CA TYR B 415 -3.67 10.59 -31.98
C TYR B 415 -5.07 10.00 -31.78
N CYS B 416 -5.31 8.85 -32.37
CA CYS B 416 -6.56 8.15 -32.19
C CYS B 416 -6.41 7.15 -31.05
N PRO B 417 -7.22 7.26 -29.98
CA PRO B 417 -7.07 6.33 -28.85
C PRO B 417 -7.47 4.90 -29.15
N VAL B 418 -7.89 4.60 -30.38
CA VAL B 418 -8.13 3.23 -30.84
C VAL B 418 -7.04 2.79 -31.82
N GLY B 419 -6.83 3.58 -32.88
CA GLY B 419 -5.89 3.17 -33.92
C GLY B 419 -4.44 3.15 -33.49
N PHE B 420 -4.06 4.06 -32.58
CA PHE B 420 -2.67 4.11 -32.12
C PHE B 420 -2.24 2.76 -31.55
N GLY B 421 -3.02 2.21 -30.63
CA GLY B 421 -2.66 0.92 -30.04
C GLY B 421 -2.77 -0.22 -31.04
N ARG B 422 -3.80 -0.21 -31.89
CA ARG B 422 -4.00 -1.31 -32.82
C ARG B 422 -2.84 -1.43 -33.79
N ARG B 423 -2.30 -0.30 -34.25
CA ARG B 423 -1.17 -0.36 -35.17
C ARG B 423 0.10 -0.83 -34.46
N THR B 424 0.30 -0.40 -33.21
CA THR B 424 1.53 -0.73 -32.51
C THR B 424 1.53 -2.16 -32.00
N ASP B 425 0.38 -2.67 -31.58
CA ASP B 425 0.25 -4.05 -31.09
C ASP B 425 -1.03 -4.65 -31.63
N PRO B 426 -0.99 -5.17 -32.86
CA PRO B 426 -2.23 -5.66 -33.51
C PRO B 426 -2.93 -6.76 -32.74
N ASN B 427 -2.18 -7.71 -32.16
CA ASN B 427 -2.81 -8.79 -31.41
C ASN B 427 -3.37 -8.33 -30.07
N GLY B 428 -2.96 -7.16 -29.58
CA GLY B 428 -3.48 -6.66 -28.32
C GLY B 428 -2.92 -7.33 -27.09
N ASP B 429 -1.75 -7.96 -27.20
CA ASP B 429 -1.13 -8.59 -26.03
C ASP B 429 -0.86 -7.58 -24.93
N TYR B 430 -0.58 -6.33 -25.29
CA TYR B 430 -0.34 -5.29 -24.30
C TYR B 430 -1.59 -5.01 -23.48
N ILE B 431 -2.76 -4.95 -24.14
CA ILE B 431 -4.01 -4.76 -23.42
C ILE B 431 -4.27 -5.94 -22.49
N ARG B 432 -4.04 -7.17 -22.97
CA ARG B 432 -4.31 -8.35 -22.16
C ARG B 432 -3.40 -8.42 -20.95
N ARG B 433 -2.21 -7.83 -21.04
CA ARG B 433 -1.26 -7.90 -19.94
C ARG B 433 -1.67 -6.97 -18.80
N TYR B 434 -2.19 -5.79 -19.12
CA TYR B 434 -2.49 -4.80 -18.10
C TYR B 434 -3.96 -4.60 -17.83
N LEU B 435 -4.85 -5.12 -18.69
CA LEU B 435 -6.30 -5.08 -18.45
C LEU B 435 -6.80 -6.51 -18.56
N PRO B 436 -6.60 -7.32 -17.51
CA PRO B 436 -6.98 -8.73 -17.59
C PRO B 436 -8.46 -8.95 -17.81
N VAL B 437 -9.31 -7.99 -17.44
CA VAL B 437 -10.74 -8.17 -17.63
C VAL B 437 -11.10 -8.26 -19.12
N LEU B 438 -10.24 -7.73 -19.98
CA LEU B 438 -10.47 -7.77 -21.42
C LEU B 438 -9.86 -8.98 -22.10
N ARG B 439 -9.27 -9.91 -21.33
CA ARG B 439 -8.42 -10.93 -21.92
C ARG B 439 -9.18 -11.83 -22.88
N GLY B 440 -10.49 -11.97 -22.69
CA GLY B 440 -11.27 -12.83 -23.56
C GLY B 440 -11.60 -12.25 -24.91
N PHE B 441 -11.34 -10.96 -25.11
CA PHE B 441 -11.74 -10.34 -26.38
C PHE B 441 -10.77 -10.70 -27.49
N PRO B 442 -11.27 -10.96 -28.69
CA PRO B 442 -10.38 -11.16 -29.83
C PRO B 442 -9.66 -9.87 -30.19
N ALA B 443 -8.60 -10.02 -30.99
CA ALA B 443 -7.88 -8.85 -31.47
C ALA B 443 -8.76 -7.93 -32.29
N LYS B 444 -9.88 -8.44 -32.81
CA LYS B 444 -10.79 -7.62 -33.60
C LYS B 444 -11.46 -6.53 -32.77
N TYR B 445 -11.68 -6.79 -31.48
CA TYR B 445 -12.37 -5.83 -30.62
C TYR B 445 -11.58 -5.41 -29.39
N ILE B 446 -10.33 -5.86 -29.25
CA ILE B 446 -9.60 -5.63 -28.01
C ILE B 446 -9.35 -4.13 -27.78
N TYR B 447 -9.21 -3.36 -28.85
CA TYR B 447 -8.99 -1.92 -28.71
C TYR B 447 -10.27 -1.11 -28.77
N ASP B 448 -11.38 -1.68 -29.21
CA ASP B 448 -12.69 -1.02 -29.19
C ASP B 448 -13.73 -2.02 -28.74
N PRO B 449 -13.70 -2.42 -27.46
CA PRO B 449 -14.61 -3.49 -26.99
C PRO B 449 -16.08 -3.12 -27.04
N TRP B 450 -16.41 -1.83 -27.05
CA TRP B 450 -17.81 -1.44 -27.17
C TRP B 450 -18.42 -1.87 -28.50
N ASN B 451 -17.59 -2.13 -29.50
CA ASN B 451 -18.09 -2.57 -30.80
C ASN B 451 -18.36 -4.06 -30.86
N ALA B 452 -18.03 -4.81 -29.81
CA ALA B 452 -18.19 -6.26 -29.87
C ALA B 452 -19.65 -6.65 -29.66
N PRO B 453 -20.12 -7.66 -30.38
CA PRO B 453 -21.49 -8.16 -30.15
C PRO B 453 -21.62 -8.74 -28.74
N GLU B 454 -22.87 -8.78 -28.28
CA GLU B 454 -23.16 -9.25 -26.93
C GLU B 454 -22.63 -10.65 -26.69
N GLY B 455 -22.71 -11.52 -27.70
CA GLY B 455 -22.23 -12.88 -27.55
C GLY B 455 -20.73 -12.94 -27.34
N ILE B 456 -19.99 -12.08 -28.03
CA ILE B 456 -18.55 -11.99 -27.80
C ILE B 456 -18.27 -11.54 -26.37
N GLN B 457 -19.00 -10.52 -25.91
CA GLN B 457 -18.79 -10.02 -24.55
C GLN B 457 -19.14 -11.08 -23.51
N LYS B 458 -20.15 -11.91 -23.80
CA LYS B 458 -20.58 -12.91 -22.83
C LYS B 458 -19.54 -14.03 -22.70
N VAL B 459 -19.03 -14.53 -23.83
CA VAL B 459 -17.99 -15.54 -23.76
C VAL B 459 -16.72 -14.98 -23.12
N ALA B 460 -16.44 -13.70 -23.36
CA ALA B 460 -15.31 -13.05 -22.70
C ALA B 460 -15.58 -12.72 -21.24
N LYS B 461 -16.82 -12.90 -20.78
CA LYS B 461 -17.20 -12.62 -19.40
C LYS B 461 -16.91 -11.17 -19.03
N CYS B 462 -17.14 -10.25 -19.96
CA CYS B 462 -16.90 -8.83 -19.70
C CYS B 462 -17.95 -8.03 -20.46
N LEU B 463 -18.98 -7.59 -19.76
CA LEU B 463 -20.04 -6.77 -20.37
C LEU B 463 -19.62 -5.31 -20.33
N ILE B 464 -19.53 -4.68 -21.50
CA ILE B 464 -19.08 -3.30 -21.57
C ILE B 464 -20.11 -2.39 -20.94
N GLY B 465 -19.65 -1.51 -20.04
CA GLY B 465 -20.53 -0.72 -19.21
C GLY B 465 -20.87 -1.37 -17.89
N VAL B 466 -20.37 -2.58 -17.63
CA VAL B 466 -20.64 -3.29 -16.39
C VAL B 466 -19.30 -3.72 -15.78
N ASN B 467 -18.58 -4.59 -16.49
CA ASN B 467 -17.31 -5.09 -16.00
C ASN B 467 -16.12 -4.24 -16.45
N TYR B 468 -16.33 -3.38 -17.45
CA TYR B 468 -15.34 -2.45 -17.98
C TYR B 468 -16.16 -1.29 -18.53
N PRO B 469 -15.76 -0.06 -18.25
CA PRO B 469 -16.63 1.08 -18.59
C PRO B 469 -16.71 1.33 -20.08
N LYS B 470 -17.78 2.03 -20.47
CA LYS B 470 -17.90 2.52 -21.83
C LYS B 470 -16.94 3.69 -22.04
N PRO B 471 -16.57 3.97 -23.30
CA PRO B 471 -15.65 5.09 -23.57
C PRO B 471 -16.24 6.40 -23.04
N MET B 472 -15.36 7.21 -22.41
CA MET B 472 -15.82 8.40 -21.71
C MET B 472 -16.14 9.56 -22.66
N VAL B 473 -15.67 9.51 -23.90
CA VAL B 473 -15.96 10.53 -24.88
C VAL B 473 -16.13 9.87 -26.24
N ASN B 474 -16.86 10.56 -27.12
CA ASN B 474 -16.81 10.27 -28.56
C ASN B 474 -15.55 10.92 -29.10
N HIS B 475 -14.54 10.11 -29.43
CA HIS B 475 -13.26 10.67 -29.83
C HIS B 475 -13.39 11.58 -31.05
N ALA B 476 -14.19 11.16 -32.04
CA ALA B 476 -14.32 11.94 -33.25
C ALA B 476 -14.91 13.32 -32.97
N GLU B 477 -15.97 13.37 -32.16
CA GLU B 477 -16.59 14.66 -31.86
C GLU B 477 -15.68 15.51 -30.99
N ALA B 478 -15.05 14.90 -29.97
CA ALA B 478 -14.23 15.67 -29.05
C ALA B 478 -12.97 16.21 -29.74
N SER B 479 -12.31 15.39 -30.56
CA SER B 479 -11.10 15.84 -31.22
C SER B 479 -11.40 16.91 -32.26
N ARG B 480 -12.52 16.78 -32.98
CA ARG B 480 -12.91 17.82 -33.93
C ARG B 480 -13.10 19.16 -33.24
N LEU B 481 -13.74 19.15 -32.07
CA LEU B 481 -13.96 20.39 -31.33
C LEU B 481 -12.65 20.99 -30.84
N ASN B 482 -11.80 20.16 -30.23
CA ASN B 482 -10.56 20.68 -29.64
C ASN B 482 -9.60 21.19 -30.71
N ILE B 483 -9.58 20.54 -31.87
CA ILE B 483 -8.75 21.00 -32.97
C ILE B 483 -9.15 22.41 -33.38
N GLU B 484 -10.46 22.68 -33.39
CA GLU B 484 -10.93 24.03 -33.69
C GLU B 484 -10.52 25.01 -32.61
N ARG B 485 -10.56 24.59 -31.35
CA ARG B 485 -10.24 25.48 -30.23
C ARG B 485 -8.80 25.98 -30.31
N MET B 486 -7.86 25.06 -30.57
CA MET B 486 -6.45 25.45 -30.60
C MET B 486 -6.12 26.24 -31.87
N LYS B 487 -6.81 25.99 -32.98
CA LYS B 487 -6.62 26.85 -34.15
C LYS B 487 -7.07 28.26 -33.83
N GLN B 488 -8.15 28.41 -33.05
CA GLN B 488 -8.53 29.72 -32.56
C GLN B 488 -7.43 30.34 -31.72
N ILE B 489 -6.81 29.54 -30.86
CA ILE B 489 -5.75 30.04 -30.00
C ILE B 489 -4.59 30.56 -30.83
N TYR B 490 -4.21 29.82 -31.87
CA TYR B 490 -2.99 30.15 -32.59
C TYR B 490 -3.22 31.18 -33.69
N GLN B 491 -4.47 31.39 -34.12
CA GLN B 491 -4.74 32.55 -34.93
C GLN B 491 -4.83 33.81 -34.06
N GLN B 492 -5.14 33.66 -32.77
CA GLN B 492 -4.97 34.74 -31.82
C GLN B 492 -3.49 35.05 -31.63
#